data_6VIN
#
_entry.id   6VIN
#
_cell.length_a   196.000
_cell.length_b   196.000
_cell.length_c   196.910
_cell.angle_alpha   90.000
_cell.angle_beta   90.000
_cell.angle_gamma   120.000
#
_symmetry.space_group_name_H-M   'H 3 2'
#
_entity_poly.entity_id   1
_entity_poly.type   'polypeptide(L)'
_entity_poly.pdbx_seq_one_letter_code
;MTVGAVVVDHEGNVAAAVSSGGLALKHPGRVGQAALYGCGCWAENTGAHNPYSTAVSTSGCGEHLVRTILARECSHALQA
EDAHQALLETMQNKFISSPFLASEDGVLGGVIVLRSCRCSAEPDSSQNKQTLLVEFLWSHTTESMCVGYMSAQDGKAKTH
ISRLPPGAVAGQSVAIEGGVCRLEGSGSGGFVLVHAGAGYHSESKAKEYKHVCKRACQKAIEKLQAGALATDAVTAALVE
LEDSPFTNAGMGSNLNLLGEIECDASIMDGKSLNFGAVGALSGIKNPVSVANRLLCEGQKGKLSAGRIPPCFLVGEGAYR
WAVDHGIPSCPPNIMTTRFSLAAFKRNKRKLELAERVDTDFMQLKKRRQSSEKENDSGTLDLEHHHHHH
;
_entity_poly.pdbx_strand_id   A,B
#
# COMPACT_ATOMS: atom_id res chain seq x y z
N THR A 2 8.62 -7.60 -13.73
CA THR A 2 9.00 -6.92 -12.47
C THR A 2 10.43 -7.28 -12.13
N VAL A 3 11.32 -6.31 -11.92
CA VAL A 3 12.73 -6.58 -11.56
C VAL A 3 13.04 -5.92 -10.23
N GLY A 4 14.17 -6.17 -9.59
CA GLY A 4 14.47 -5.47 -8.32
C GLY A 4 15.69 -6.03 -7.61
N ALA A 5 16.04 -5.57 -6.41
CA ALA A 5 17.28 -5.98 -5.72
C ALA A 5 17.23 -5.79 -4.20
N VAL A 6 18.24 -6.32 -3.49
CA VAL A 6 18.48 -6.20 -2.02
C VAL A 6 20.00 -6.07 -1.84
N VAL A 7 20.50 -5.41 -0.79
CA VAL A 7 21.98 -5.20 -0.58
C VAL A 7 22.24 -5.02 0.92
N VAL A 8 23.52 -5.17 1.30
CA VAL A 8 24.07 -4.84 2.65
C VAL A 8 25.46 -4.22 2.50
N ASP A 9 25.83 -3.28 3.38
CA ASP A 9 27.15 -2.60 3.32
C ASP A 9 28.14 -3.14 4.35
N HIS A 10 29.37 -2.61 4.37
CA HIS A 10 30.44 -3.04 5.30
C HIS A 10 29.93 -3.10 6.75
N GLU A 11 29.09 -2.14 7.15
CA GLU A 11 28.54 -1.99 8.52
C GLU A 11 27.35 -2.92 8.83
N GLY A 12 26.87 -3.66 7.83
CA GLY A 12 25.73 -4.59 7.96
C GLY A 12 24.41 -3.86 7.85
N ASN A 13 24.36 -2.73 7.15
CA ASN A 13 23.07 -2.01 6.99
C ASN A 13 22.42 -2.40 5.64
N VAL A 14 21.21 -3.00 5.67
CA VAL A 14 20.46 -3.49 4.49
C VAL A 14 19.54 -2.41 3.91
N ALA A 15 19.08 -2.66 2.69
CA ALA A 15 18.11 -1.87 1.89
C ALA A 15 17.55 -2.76 0.80
N ALA A 16 16.33 -2.51 0.34
CA ALA A 16 15.65 -3.28 -0.73
C ALA A 16 14.91 -2.32 -1.64
N ALA A 17 14.78 -2.66 -2.93
CA ALA A 17 14.12 -1.89 -4.00
C ALA A 17 13.36 -2.80 -4.95
N VAL A 18 12.50 -2.24 -5.82
CA VAL A 18 11.72 -3.00 -6.84
C VAL A 18 11.11 -1.99 -7.82
N SER A 19 11.01 -2.34 -9.11
CA SER A 19 10.39 -1.55 -10.21
C SER A 19 9.56 -2.47 -11.11
N SER A 20 8.38 -2.04 -11.55
CA SER A 20 7.45 -2.84 -12.37
C SER A 20 6.67 -1.96 -13.36
N GLY A 21 6.25 -2.51 -14.48
CA GLY A 21 5.43 -1.79 -15.48
C GLY A 21 3.97 -2.12 -15.32
N GLY A 22 3.60 -3.18 -14.61
CA GLY A 22 2.20 -3.60 -14.40
C GLY A 22 1.77 -4.64 -15.42
N LEU A 23 0.61 -5.30 -15.23
CA LEU A 23 0.06 -6.40 -16.05
C LEU A 23 -0.22 -5.77 -17.39
N ALA A 24 0.10 -6.38 -18.54
CA ALA A 24 -0.03 -5.90 -19.94
C ALA A 24 -1.10 -4.83 -20.18
N LEU A 25 -2.35 -5.17 -20.52
CA LEU A 25 -3.34 -4.13 -20.88
C LEU A 25 -4.16 -3.74 -19.66
N LYS A 26 -3.51 -3.07 -18.71
CA LYS A 26 -4.13 -2.58 -17.46
C LYS A 26 -4.95 -1.33 -17.78
N HIS A 27 -5.91 -0.97 -16.95
CA HIS A 27 -6.70 0.26 -17.13
C HIS A 27 -5.81 1.44 -16.69
N PRO A 28 -5.89 2.66 -17.25
CA PRO A 28 -5.14 3.79 -16.71
C PRO A 28 -5.12 3.97 -15.19
N GLY A 29 -4.08 4.62 -14.70
CA GLY A 29 -3.83 4.82 -13.25
C GLY A 29 -4.11 3.57 -12.45
N ARG A 30 -3.34 2.51 -12.66
CA ARG A 30 -3.47 1.21 -11.95
C ARG A 30 -2.15 1.00 -11.23
N VAL A 31 -2.13 1.13 -9.90
CA VAL A 31 -0.90 0.86 -9.12
C VAL A 31 -1.05 -0.54 -8.57
N GLY A 32 -0.16 -1.48 -8.89
CA GLY A 32 -0.22 -2.84 -8.36
C GLY A 32 0.73 -2.96 -7.19
N GLN A 33 1.64 -3.94 -7.15
CA GLN A 33 2.63 -4.09 -6.06
C GLN A 33 3.88 -3.28 -6.43
N ALA A 34 5.01 -3.48 -5.75
CA ALA A 34 6.31 -2.83 -6.07
C ALA A 34 6.05 -1.35 -6.15
N ALA A 35 5.40 -0.85 -5.10
CA ALA A 35 4.77 0.47 -4.93
C ALA A 35 4.10 0.57 -3.55
N LEU A 36 3.31 -0.42 -3.14
CA LEU A 36 2.69 -0.61 -1.80
C LEU A 36 3.81 -0.79 -0.77
N TYR A 37 3.55 -0.38 0.47
CA TYR A 37 4.49 -0.33 1.61
C TYR A 37 5.07 -1.70 1.98
N GLY A 38 4.24 -2.64 2.39
CA GLY A 38 4.78 -3.92 2.88
C GLY A 38 4.69 -5.06 1.91
N CYS A 39 4.10 -4.87 0.74
CA CYS A 39 3.95 -5.95 -0.24
C CYS A 39 5.06 -5.91 -1.29
N GLY A 40 5.68 -4.73 -1.61
CA GLY A 40 6.69 -4.51 -2.65
C GLY A 40 8.01 -5.12 -2.21
N CYS A 41 8.76 -4.36 -1.44
CA CYS A 41 10.08 -4.70 -0.87
C CYS A 41 10.09 -4.36 0.62
N TRP A 42 11.14 -4.76 1.34
CA TRP A 42 11.28 -4.50 2.80
C TRP A 42 12.76 -4.41 3.19
N ALA A 43 13.08 -3.66 4.25
CA ALA A 43 14.43 -3.56 4.82
C ALA A 43 14.25 -3.35 6.31
N GLU A 44 14.92 -4.11 7.19
CA GLU A 44 14.79 -3.95 8.66
C GLU A 44 16.17 -4.14 9.29
N ASN A 45 16.76 -3.15 9.97
CA ASN A 45 18.11 -3.27 10.60
C ASN A 45 17.99 -3.95 11.97
N THR A 46 19.06 -4.58 12.47
CA THR A 46 19.11 -5.38 13.72
C THR A 46 18.71 -4.52 14.94
N GLY A 47 17.96 -5.08 15.90
CA GLY A 47 17.44 -4.38 17.10
C GLY A 47 17.30 -5.29 18.32
N ALA A 48 16.17 -5.23 19.04
CA ALA A 48 15.89 -6.04 20.24
C ALA A 48 15.13 -7.30 19.83
N HIS A 49 13.87 -7.19 19.38
CA HIS A 49 13.06 -8.33 18.91
C HIS A 49 13.41 -8.66 17.45
N ASN A 50 14.31 -7.89 16.82
CA ASN A 50 14.82 -8.12 15.46
C ASN A 50 16.23 -8.69 15.60
N PRO A 51 16.45 -10.03 15.60
CA PRO A 51 17.80 -10.56 15.79
C PRO A 51 18.72 -10.29 14.59
N TYR A 52 18.22 -10.61 13.39
CA TYR A 52 18.88 -10.46 12.07
C TYR A 52 18.49 -9.10 11.48
N SER A 53 19.24 -8.63 10.48
CA SER A 53 18.90 -7.45 9.65
C SER A 53 18.48 -8.03 8.29
N THR A 54 17.18 -7.98 7.94
CA THR A 54 16.58 -8.67 6.77
C THR A 54 16.09 -7.70 5.68
N ALA A 55 16.13 -8.12 4.40
CA ALA A 55 15.76 -7.37 3.18
C ALA A 55 15.06 -8.28 2.15
N VAL A 56 13.94 -7.84 1.52
CA VAL A 56 13.13 -8.60 0.53
C VAL A 56 12.74 -7.69 -0.66
N SER A 57 12.45 -8.27 -1.83
CA SER A 57 11.91 -7.69 -3.08
C SER A 57 11.06 -8.77 -3.75
N THR A 58 9.88 -8.42 -4.22
CA THR A 58 8.90 -9.41 -4.73
C THR A 58 8.65 -9.17 -6.20
N SER A 59 7.95 -10.10 -6.81
CA SER A 59 7.51 -10.11 -8.21
C SER A 59 6.33 -11.06 -8.22
N GLY A 60 5.39 -10.81 -9.11
CA GLY A 60 4.26 -11.74 -9.22
C GLY A 60 3.32 -11.35 -10.31
N CYS A 61 2.45 -12.30 -10.63
CA CYS A 61 1.29 -12.20 -11.55
C CYS A 61 0.80 -10.74 -11.67
N GLY A 62 0.53 -10.06 -10.56
CA GLY A 62 0.12 -8.65 -10.58
C GLY A 62 -0.23 -8.16 -9.19
N GLU A 63 -1.31 -8.71 -8.64
CA GLU A 63 -1.85 -8.37 -7.29
C GLU A 63 -1.66 -9.45 -6.23
N HIS A 64 -1.33 -10.68 -6.60
CA HIS A 64 -1.14 -11.86 -5.70
C HIS A 64 -0.23 -11.60 -4.49
N LEU A 65 0.86 -10.84 -4.68
CA LEU A 65 1.84 -10.54 -3.59
C LEU A 65 1.32 -9.39 -2.71
N VAL A 66 0.32 -8.63 -3.20
CA VAL A 66 -0.37 -7.57 -2.39
C VAL A 66 -1.27 -8.31 -1.41
N ARG A 67 -1.95 -9.35 -1.90
CA ARG A 67 -2.95 -10.18 -1.18
C ARG A 67 -2.44 -10.56 0.23
N THR A 68 -1.17 -10.97 0.40
CA THR A 68 -0.64 -11.34 1.74
C THR A 68 0.67 -10.62 2.25
N ILE A 69 0.92 -9.47 1.62
CA ILE A 69 2.17 -8.68 1.85
C ILE A 69 3.37 -9.61 1.93
N LEU A 70 3.59 -10.42 0.88
CA LEU A 70 4.69 -11.41 0.78
C LEU A 70 6.01 -10.84 1.34
N ALA A 71 6.27 -9.54 1.23
CA ALA A 71 7.52 -8.97 1.73
C ALA A 71 7.51 -8.93 3.26
N ARG A 72 6.72 -8.10 3.95
CA ARG A 72 6.70 -8.06 5.44
C ARG A 72 6.25 -9.39 6.03
N GLU A 73 5.16 -10.04 5.60
CA GLU A 73 4.83 -11.36 6.15
C GLU A 73 6.06 -12.21 5.80
N CYS A 74 6.93 -11.96 4.81
CA CYS A 74 8.21 -12.75 4.86
C CYS A 74 9.03 -12.22 6.05
N SER A 75 9.34 -10.92 6.12
CA SER A 75 10.22 -10.27 7.14
C SER A 75 9.96 -10.75 8.56
N HIS A 76 8.70 -10.81 8.99
CA HIS A 76 8.27 -11.16 10.37
C HIS A 76 8.43 -12.66 10.62
N ALA A 77 8.60 -13.45 9.55
CA ALA A 77 8.86 -14.91 9.60
C ALA A 77 10.38 -15.15 9.59
N LEU A 78 11.17 -14.25 8.99
CA LEU A 78 12.66 -14.38 8.93
C LEU A 78 13.32 -14.33 10.32
N GLN A 79 12.68 -13.72 11.31
CA GLN A 79 13.17 -13.70 12.71
C GLN A 79 13.20 -15.10 13.35
N ALA A 80 12.70 -16.13 12.64
CA ALA A 80 12.80 -17.55 13.04
C ALA A 80 14.26 -17.99 12.87
N GLU A 81 14.71 -19.01 13.61
CA GLU A 81 16.14 -19.20 14.04
C GLU A 81 17.06 -19.31 12.82
N ASP A 82 16.55 -19.42 11.58
CA ASP A 82 17.33 -19.58 10.34
C ASP A 82 16.90 -18.76 9.13
N ALA A 83 17.58 -18.89 7.98
CA ALA A 83 17.38 -18.07 6.76
C ALA A 83 16.41 -18.85 5.86
N HIS A 84 16.77 -20.09 5.51
CA HIS A 84 16.11 -20.89 4.44
C HIS A 84 14.87 -21.64 4.97
N GLN A 85 14.55 -21.54 6.27
CA GLN A 85 13.31 -22.11 6.87
C GLN A 85 12.62 -21.04 7.73
N ALA A 86 12.36 -19.93 7.06
CA ALA A 86 11.63 -18.73 7.52
C ALA A 86 11.25 -17.96 6.27
N LEU A 87 11.02 -18.69 5.17
CA LEU A 87 10.68 -18.12 3.84
C LEU A 87 9.33 -18.68 3.38
N LEU A 88 9.37 -19.87 2.78
CA LEU A 88 8.13 -20.45 2.18
C LEU A 88 6.95 -20.56 3.14
N GLU A 89 7.21 -20.62 4.45
CA GLU A 89 6.09 -20.65 5.44
C GLU A 89 5.17 -19.48 5.09
N THR A 90 5.77 -18.46 4.46
CA THR A 90 5.08 -17.17 4.13
C THR A 90 4.66 -17.19 2.67
N MET A 91 5.11 -18.23 1.97
CA MET A 91 4.76 -18.48 0.57
C MET A 91 3.92 -19.78 0.37
N GLN A 92 3.62 -20.61 1.36
CA GLN A 92 2.81 -21.85 1.12
C GLN A 92 1.57 -21.76 2.03
N ASN A 93 1.76 -21.80 3.34
CA ASN A 93 0.66 -21.70 4.32
C ASN A 93 0.10 -20.27 4.28
N LYS A 94 0.92 -19.28 3.88
CA LYS A 94 0.55 -17.84 3.81
C LYS A 94 0.53 -17.34 2.36
N PHE A 95 0.52 -18.22 1.35
CA PHE A 95 0.40 -17.89 -0.11
C PHE A 95 -0.14 -19.11 -0.88
N ILE A 96 0.65 -20.14 -1.30
CA ILE A 96 0.14 -21.26 -2.19
C ILE A 96 -1.20 -21.78 -1.69
N SER A 97 -1.20 -22.44 -0.53
CA SER A 97 -2.37 -23.10 0.08
C SER A 97 -2.80 -22.34 1.33
N SER A 98 -3.45 -21.19 1.18
CA SER A 98 -3.96 -20.39 2.33
C SER A 98 -5.24 -19.65 1.92
N PRO A 99 -6.06 -19.08 2.85
CA PRO A 99 -7.26 -18.34 2.46
C PRO A 99 -7.00 -17.08 1.61
N PHE A 100 -5.83 -16.47 1.76
CA PHE A 100 -5.41 -15.22 1.05
C PHE A 100 -5.71 -15.39 -0.45
N LEU A 101 -5.28 -16.49 -1.06
CA LEU A 101 -5.50 -16.84 -2.49
C LEU A 101 -6.13 -18.23 -2.57
N ALA A 102 -7.46 -18.30 -2.46
CA ALA A 102 -8.25 -19.56 -2.47
C ALA A 102 -8.87 -19.83 -3.84
N SER A 103 -9.55 -18.86 -4.45
CA SER A 103 -10.27 -19.03 -5.74
C SER A 103 -9.51 -18.48 -6.95
N GLU A 104 -8.21 -18.77 -7.09
CA GLU A 104 -7.34 -18.36 -8.23
C GLU A 104 -6.73 -19.58 -8.92
N ASP A 105 -6.51 -19.52 -10.25
CA ASP A 105 -5.91 -20.58 -11.08
C ASP A 105 -4.41 -20.62 -10.79
N GLY A 106 -4.02 -21.13 -9.63
CA GLY A 106 -2.63 -21.15 -9.14
C GLY A 106 -2.31 -19.90 -8.34
N VAL A 107 -1.07 -19.79 -7.83
CA VAL A 107 -0.52 -18.73 -6.96
C VAL A 107 0.82 -18.30 -7.54
N LEU A 108 0.86 -17.86 -8.80
CA LEU A 108 2.12 -17.43 -9.48
C LEU A 108 2.83 -16.35 -8.65
N GLY A 109 4.15 -16.37 -8.52
CA GLY A 109 4.89 -15.31 -7.82
C GLY A 109 6.37 -15.61 -7.68
N GLY A 110 7.21 -14.68 -7.22
CA GLY A 110 8.66 -14.84 -7.03
C GLY A 110 9.14 -13.96 -5.89
N VAL A 111 10.36 -14.17 -5.34
CA VAL A 111 10.91 -13.48 -4.14
C VAL A 111 12.42 -13.71 -4.07
N ILE A 112 13.20 -12.73 -3.58
CA ILE A 112 14.66 -12.81 -3.32
C ILE A 112 14.85 -12.27 -1.90
N VAL A 113 15.67 -12.88 -1.04
CA VAL A 113 15.84 -12.49 0.41
C VAL A 113 17.33 -12.34 0.75
N LEU A 114 17.64 -11.56 1.78
CA LEU A 114 19.01 -11.34 2.29
C LEU A 114 18.95 -11.04 3.78
N ARG A 115 19.91 -11.53 4.59
CA ARG A 115 20.03 -11.31 6.05
C ARG A 115 21.48 -11.03 6.42
N SER A 116 21.70 -10.34 7.52
CA SER A 116 23.04 -9.99 8.00
C SER A 116 23.05 -9.89 9.54
N CYS A 117 23.85 -10.71 10.22
CA CYS A 117 24.09 -10.65 11.69
C CYS A 117 25.60 -10.59 11.92
N ARG A 118 26.04 -10.13 13.09
CA ARG A 118 27.48 -10.06 13.44
C ARG A 118 27.77 -11.07 14.56
N CYS A 119 29.05 -11.27 14.89
CA CYS A 119 29.53 -12.20 15.95
C CYS A 119 29.42 -11.55 17.33
N THR A 131 33.55 -10.00 10.16
CA THR A 131 32.82 -10.88 11.11
C THR A 131 31.32 -10.67 10.97
N LEU A 132 30.82 -10.78 9.73
CA LEU A 132 29.41 -10.60 9.29
C LEU A 132 28.99 -11.79 8.43
N LEU A 133 27.89 -12.47 8.76
CA LEU A 133 27.36 -13.63 8.00
C LEU A 133 26.23 -13.12 7.09
N VAL A 134 26.26 -13.40 5.78
CA VAL A 134 25.24 -12.95 4.79
C VAL A 134 24.65 -14.18 4.09
N GLU A 135 23.32 -14.35 4.08
CA GLU A 135 22.57 -15.51 3.54
C GLU A 135 21.66 -15.00 2.43
N PHE A 136 21.71 -15.58 1.23
CA PHE A 136 20.92 -15.14 0.04
C PHE A 136 20.08 -16.29 -0.56
N LEU A 137 18.75 -16.18 -0.57
CA LEU A 137 17.85 -17.22 -1.12
C LEU A 137 16.80 -16.62 -2.06
N TRP A 138 16.36 -17.36 -3.08
CA TRP A 138 15.35 -16.89 -4.06
C TRP A 138 14.31 -17.97 -4.27
N SER A 139 13.03 -17.72 -3.98
CA SER A 139 11.92 -18.70 -4.16
C SER A 139 10.96 -18.21 -5.23
N HIS A 140 10.20 -19.11 -5.87
CA HIS A 140 9.14 -18.75 -6.85
C HIS A 140 8.31 -19.97 -7.23
N THR A 141 7.13 -19.72 -7.79
CA THR A 141 6.18 -20.74 -8.30
C THR A 141 5.87 -20.46 -9.77
N THR A 142 6.76 -19.76 -10.47
CA THR A 142 6.64 -19.39 -11.91
C THR A 142 7.54 -20.34 -12.69
N GLU A 143 7.27 -20.53 -13.98
CA GLU A 143 8.06 -21.44 -14.86
C GLU A 143 9.57 -21.21 -14.69
N SER A 144 10.01 -19.95 -14.66
CA SER A 144 11.43 -19.56 -14.53
C SER A 144 11.57 -18.21 -13.84
N MET A 145 12.80 -17.89 -13.43
CA MET A 145 13.21 -16.65 -12.75
C MET A 145 14.71 -16.54 -12.92
N CYS A 146 15.28 -15.34 -13.07
CA CYS A 146 16.74 -15.12 -13.22
C CYS A 146 17.25 -14.20 -12.09
N VAL A 147 18.52 -14.38 -11.67
CA VAL A 147 19.19 -13.65 -10.55
C VAL A 147 20.68 -13.50 -10.85
N GLY A 148 21.33 -12.59 -10.11
CA GLY A 148 22.77 -12.32 -10.06
C GLY A 148 23.20 -11.76 -8.72
N TYR A 149 24.38 -12.16 -8.13
CA TYR A 149 24.92 -11.81 -6.81
C TYR A 149 26.43 -11.59 -6.92
N MET A 150 26.97 -10.76 -6.02
CA MET A 150 28.41 -10.41 -5.97
C MET A 150 28.73 -9.88 -4.56
N SER A 151 30.00 -9.88 -4.15
CA SER A 151 30.54 -9.34 -2.89
C SER A 151 31.81 -8.55 -3.24
N ALA A 152 32.22 -7.66 -2.34
CA ALA A 152 33.42 -6.81 -2.48
C ALA A 152 34.64 -7.70 -2.75
N GLN A 153 34.98 -8.60 -1.83
CA GLN A 153 36.16 -9.52 -1.91
C GLN A 153 36.04 -10.56 -3.02
N ASP A 154 34.82 -10.97 -3.30
CA ASP A 154 34.43 -12.00 -4.30
C ASP A 154 35.12 -11.75 -5.65
N GLY A 155 35.15 -10.51 -6.11
CA GLY A 155 35.88 -10.16 -7.35
C GLY A 155 35.07 -10.27 -8.62
N LYS A 156 34.53 -11.45 -8.96
CA LYS A 156 33.76 -11.62 -10.22
C LYS A 156 32.31 -12.00 -9.89
N ALA A 157 31.36 -11.54 -10.70
CA ALA A 157 29.90 -11.68 -10.48
C ALA A 157 29.39 -13.02 -10.99
N LYS A 158 28.31 -13.52 -10.38
CA LYS A 158 27.65 -14.80 -10.76
C LYS A 158 26.23 -14.46 -11.23
N THR A 159 25.68 -15.21 -12.19
CA THR A 159 24.36 -15.01 -12.83
C THR A 159 23.65 -16.38 -12.75
N HIS A 160 22.86 -16.81 -13.75
CA HIS A 160 22.20 -18.13 -14.02
C HIS A 160 20.71 -18.10 -13.66
N ILE A 161 19.97 -19.01 -14.27
CA ILE A 161 18.49 -19.18 -14.15
C ILE A 161 18.20 -20.17 -13.03
N SER A 162 17.00 -20.07 -12.44
CA SER A 162 16.50 -20.93 -11.33
C SER A 162 15.11 -21.41 -11.70
N ARG A 163 15.02 -22.29 -12.70
CA ARG A 163 13.77 -22.84 -13.22
C ARG A 163 13.30 -23.97 -12.30
N LEU A 164 12.02 -24.34 -12.47
CA LEU A 164 11.32 -25.46 -11.78
C LEU A 164 11.89 -26.75 -12.38
N PRO A 165 11.97 -27.89 -11.66
CA PRO A 165 12.53 -29.10 -12.23
C PRO A 165 11.68 -29.67 -13.38
N PRO A 166 12.26 -30.39 -14.37
CA PRO A 166 11.54 -30.92 -15.52
C PRO A 166 10.11 -31.44 -15.31
N GLY A 167 9.11 -30.93 -16.06
CA GLY A 167 7.71 -31.37 -15.97
C GLY A 167 7.09 -31.21 -14.59
N ALA A 168 7.50 -30.20 -13.81
CA ALA A 168 6.88 -29.89 -12.50
C ALA A 168 5.85 -28.78 -12.77
N VAL A 169 4.55 -29.10 -12.83
CA VAL A 169 3.44 -28.16 -13.16
C VAL A 169 3.60 -26.83 -12.41
N ALA A 170 4.05 -25.77 -13.09
CA ALA A 170 4.26 -24.41 -12.51
C ALA A 170 2.94 -23.87 -11.93
N GLY A 171 3.00 -23.18 -10.79
CA GLY A 171 1.81 -22.68 -10.06
C GLY A 171 1.62 -23.47 -8.78
N GLN A 172 1.56 -24.79 -8.94
CA GLN A 172 1.50 -25.83 -7.88
C GLN A 172 2.84 -25.88 -7.16
N SER A 173 3.88 -26.40 -7.80
CA SER A 173 5.21 -26.63 -7.19
C SER A 173 5.97 -25.31 -7.05
N VAL A 174 6.90 -25.25 -6.10
CA VAL A 174 7.76 -24.07 -5.81
C VAL A 174 9.20 -24.55 -5.84
N ALA A 175 10.16 -23.72 -6.26
CA ALA A 175 11.57 -24.12 -6.39
C ALA A 175 12.51 -23.12 -5.69
N ILE A 176 12.96 -23.42 -4.46
CA ILE A 176 13.88 -22.54 -3.68
C ILE A 176 15.32 -22.90 -4.02
N GLU A 177 16.26 -22.02 -3.65
CA GLU A 177 17.73 -22.12 -3.79
C GLU A 177 18.38 -21.03 -2.94
N GLY A 178 19.64 -21.22 -2.59
CA GLY A 178 20.31 -20.30 -1.68
C GLY A 178 21.80 -20.51 -1.52
N GLY A 179 22.35 -19.93 -0.44
CA GLY A 179 23.77 -19.99 -0.02
C GLY A 179 24.02 -19.12 1.20
N VAL A 180 25.25 -19.12 1.75
CA VAL A 180 25.73 -18.36 2.94
C VAL A 180 27.18 -17.95 2.63
N CYS A 181 27.69 -16.89 3.27
CA CYS A 181 29.07 -16.39 3.05
C CYS A 181 29.41 -15.56 4.29
N ARG A 182 30.68 -15.16 4.36
CA ARG A 182 31.30 -14.33 5.42
C ARG A 182 31.98 -13.15 4.75
N LEU A 183 31.88 -11.96 5.31
CA LEU A 183 32.55 -10.78 4.76
C LEU A 183 33.50 -10.35 5.87
N GLU A 184 34.68 -9.83 5.53
CA GLU A 184 35.64 -9.28 6.53
C GLU A 184 34.94 -8.08 7.19
N GLY A 185 35.03 -7.86 8.50
CA GLY A 185 34.35 -6.72 9.19
C GLY A 185 35.16 -5.43 9.18
N SER A 186 35.57 -4.96 8.00
CA SER A 186 36.36 -3.72 7.76
C SER A 186 35.63 -2.86 6.70
N GLY A 187 36.22 -1.75 6.23
CA GLY A 187 35.62 -0.89 5.21
C GLY A 187 35.37 -1.60 3.88
N SER A 188 36.23 -2.54 3.50
CA SER A 188 36.13 -3.29 2.22
C SER A 188 35.14 -4.44 2.34
N GLY A 189 33.83 -4.15 2.39
CA GLY A 189 32.77 -5.19 2.52
C GLY A 189 31.37 -4.76 2.07
N GLY A 190 30.59 -5.59 1.33
CA GLY A 190 29.23 -5.38 0.78
C GLY A 190 28.81 -6.57 -0.08
N PHE A 191 27.52 -6.91 -0.22
CA PHE A 191 26.97 -8.05 -1.01
C PHE A 191 25.67 -7.57 -1.66
N VAL A 192 25.47 -7.82 -2.97
CA VAL A 192 24.28 -7.42 -3.76
C VAL A 192 23.56 -8.66 -4.31
N LEU A 193 22.24 -8.67 -4.35
CA LEU A 193 21.45 -9.77 -4.93
C LEU A 193 20.33 -9.13 -5.74
N VAL A 194 20.35 -9.22 -7.07
CA VAL A 194 19.31 -8.62 -7.94
C VAL A 194 18.45 -9.73 -8.51
N HIS A 195 17.40 -9.41 -9.27
CA HIS A 195 16.62 -10.40 -10.06
C HIS A 195 15.98 -9.77 -11.29
N ALA A 196 15.85 -10.55 -12.34
CA ALA A 196 15.35 -10.10 -13.64
C ALA A 196 13.91 -10.51 -13.85
N GLY A 197 13.21 -10.96 -12.80
CA GLY A 197 11.77 -11.27 -12.80
C GLY A 197 11.42 -12.66 -13.33
N ALA A 198 10.15 -13.10 -13.10
CA ALA A 198 9.53 -14.36 -13.52
C ALA A 198 9.15 -14.25 -14.99
N GLY A 199 8.72 -15.35 -15.59
CA GLY A 199 8.27 -15.37 -16.99
C GLY A 199 7.67 -16.71 -17.32
N TYR A 200 7.53 -16.95 -18.63
CA TYR A 200 7.03 -18.18 -19.26
C TYR A 200 8.18 -18.86 -20.00
N HIS A 201 7.92 -20.04 -20.56
CA HIS A 201 8.91 -20.86 -21.30
C HIS A 201 8.99 -20.37 -22.76
N SER A 202 9.66 -19.22 -22.94
CA SER A 202 10.04 -18.55 -24.21
C SER A 202 11.54 -18.22 -24.04
N GLU A 203 12.36 -19.27 -24.07
CA GLU A 203 13.83 -19.29 -23.81
C GLU A 203 14.74 -18.48 -24.75
N SER A 204 14.23 -17.88 -25.81
CA SER A 204 15.04 -17.11 -26.79
C SER A 204 15.96 -16.09 -26.11
N LYS A 205 15.37 -15.25 -25.27
CA LYS A 205 15.98 -14.02 -24.66
C LYS A 205 16.72 -14.26 -23.34
N ALA A 206 16.90 -15.49 -22.90
CA ALA A 206 17.56 -15.83 -21.63
C ALA A 206 18.91 -15.11 -21.48
N LYS A 207 19.67 -15.03 -22.57
CA LYS A 207 21.04 -14.45 -22.56
C LYS A 207 21.01 -13.03 -22.01
N GLU A 208 20.04 -12.25 -22.46
CA GLU A 208 19.84 -10.82 -22.13
C GLU A 208 19.70 -10.62 -20.62
N TYR A 209 18.70 -11.25 -20.01
CA TYR A 209 18.37 -11.13 -18.58
C TYR A 209 19.65 -11.30 -17.75
N LYS A 210 20.52 -12.21 -18.15
CA LYS A 210 21.76 -12.54 -17.42
C LYS A 210 22.78 -11.40 -17.55
N HIS A 211 22.91 -10.82 -18.75
CA HIS A 211 23.90 -9.76 -19.03
C HIS A 211 23.59 -8.55 -18.15
N VAL A 212 22.35 -8.07 -18.19
CA VAL A 212 21.94 -6.87 -17.43
C VAL A 212 22.10 -7.13 -15.94
N CYS A 213 21.97 -8.37 -15.47
CA CYS A 213 22.09 -8.72 -14.04
C CYS A 213 23.55 -8.60 -13.63
N LYS A 214 24.45 -9.20 -14.40
CA LYS A 214 25.90 -9.13 -14.11
C LYS A 214 26.25 -7.66 -13.97
N ARG A 215 25.88 -6.86 -14.97
CA ARG A 215 26.17 -5.41 -15.07
C ARG A 215 25.46 -4.65 -13.96
N ALA A 216 24.25 -5.02 -13.57
CA ALA A 216 23.53 -4.33 -12.49
C ALA A 216 24.33 -4.44 -11.21
N CYS A 217 24.79 -5.65 -10.91
CA CYS A 217 25.55 -6.06 -9.71
C CYS A 217 26.84 -5.26 -9.59
N GLN A 218 27.61 -5.22 -10.66
CA GLN A 218 28.92 -4.52 -10.68
C GLN A 218 28.72 -3.10 -10.16
N LYS A 219 27.80 -2.34 -10.75
CA LYS A 219 27.54 -0.92 -10.43
C LYS A 219 27.30 -0.74 -8.93
N ALA A 220 26.41 -1.56 -8.37
CA ALA A 220 26.04 -1.59 -6.94
C ALA A 220 27.28 -1.82 -6.09
N ILE A 221 28.11 -2.78 -6.50
CA ILE A 221 29.36 -3.14 -5.77
C ILE A 221 30.30 -1.93 -5.81
N GLU A 222 30.40 -1.27 -6.96
CA GLU A 222 31.29 -0.10 -7.17
C GLU A 222 30.79 1.05 -6.30
N LYS A 223 29.50 1.10 -6.07
CA LYS A 223 28.88 2.11 -5.17
C LYS A 223 29.31 1.73 -3.76
N LEU A 224 29.19 0.45 -3.40
CA LEU A 224 29.55 -0.09 -2.08
C LEU A 224 31.06 0.05 -1.83
N GLN A 225 31.91 -0.12 -2.85
CA GLN A 225 33.38 -0.06 -2.71
C GLN A 225 33.83 1.41 -2.68
N ALA A 226 32.99 2.32 -3.18
CA ALA A 226 33.21 3.79 -3.12
C ALA A 226 32.68 4.33 -1.78
N GLY A 227 31.91 3.57 -1.02
CA GLY A 227 31.42 3.98 0.32
C GLY A 227 30.06 4.64 0.28
N ALA A 228 29.20 4.26 -0.66
CA ALA A 228 27.85 4.84 -0.81
C ALA A 228 26.90 4.15 0.17
N LEU A 229 25.75 4.79 0.43
CA LEU A 229 24.67 4.29 1.33
C LEU A 229 24.03 3.06 0.68
N ALA A 230 23.50 2.16 1.49
CA ALA A 230 22.81 0.94 1.01
C ALA A 230 21.70 1.37 0.06
N THR A 231 20.97 2.41 0.44
CA THR A 231 19.83 2.99 -0.31
C THR A 231 20.30 3.43 -1.70
N ASP A 232 21.46 4.08 -1.78
CA ASP A 232 21.98 4.57 -3.09
C ASP A 232 22.55 3.38 -3.87
N ALA A 233 23.00 2.34 -3.19
CA ALA A 233 23.58 1.13 -3.80
C ALA A 233 22.54 0.46 -4.68
N VAL A 234 21.39 0.12 -4.11
CA VAL A 234 20.27 -0.57 -4.82
C VAL A 234 19.70 0.36 -5.90
N THR A 235 19.90 1.67 -5.79
CA THR A 235 19.37 2.59 -6.82
C THR A 235 20.17 2.36 -8.09
N ALA A 236 21.49 2.38 -8.03
CA ALA A 236 22.38 2.16 -9.20
C ALA A 236 22.07 0.81 -9.84
N ALA A 237 21.71 -0.19 -9.05
CA ALA A 237 21.40 -1.56 -9.50
C ALA A 237 20.07 -1.56 -10.25
N LEU A 238 19.07 -0.91 -9.67
CA LEU A 238 17.73 -0.85 -10.27
C LEU A 238 17.77 0.03 -11.52
N VAL A 239 18.66 1.01 -11.53
CA VAL A 239 18.83 1.94 -12.67
C VAL A 239 19.26 1.12 -13.88
N GLU A 240 20.32 0.32 -13.75
CA GLU A 240 20.84 -0.51 -14.86
C GLU A 240 19.82 -1.60 -15.23
N LEU A 241 18.95 -1.99 -14.31
CA LEU A 241 17.88 -2.97 -14.59
C LEU A 241 16.77 -2.29 -15.37
N GLU A 242 16.36 -1.07 -14.99
CA GLU A 242 15.27 -0.30 -15.64
C GLU A 242 15.67 0.05 -17.07
N ASP A 243 16.91 0.47 -17.27
CA ASP A 243 17.51 0.91 -18.56
C ASP A 243 17.49 -0.19 -19.61
N SER A 244 17.35 -1.45 -19.20
CA SER A 244 17.35 -2.62 -20.14
C SER A 244 16.02 -2.68 -20.89
N PRO A 245 15.99 -2.90 -22.21
CA PRO A 245 14.74 -2.93 -22.93
C PRO A 245 13.90 -4.20 -22.80
N PHE A 246 14.43 -5.27 -22.22
CA PHE A 246 13.75 -6.58 -22.07
C PHE A 246 13.02 -6.68 -20.75
N THR A 247 13.45 -5.91 -19.76
CA THR A 247 12.86 -5.87 -18.41
C THR A 247 11.55 -5.10 -18.42
N ASN A 248 10.43 -5.68 -17.99
CA ASN A 248 9.11 -5.00 -17.90
C ASN A 248 9.15 -4.07 -16.70
N ALA A 249 9.97 -3.02 -16.75
CA ALA A 249 10.23 -2.10 -15.64
C ALA A 249 11.09 -0.99 -16.22
N GLY A 250 10.75 0.29 -16.00
CA GLY A 250 11.48 1.45 -16.55
C GLY A 250 11.41 1.50 -18.06
N MET A 251 12.48 1.28 -18.80
CA MET A 251 12.42 1.33 -20.28
C MET A 251 12.02 -0.02 -20.85
N GLY A 252 11.21 -0.05 -21.90
CA GLY A 252 10.65 -1.27 -22.50
C GLY A 252 9.58 -1.92 -21.65
N SER A 253 8.80 -1.14 -20.91
CA SER A 253 7.74 -1.60 -19.99
C SER A 253 6.49 -2.00 -20.76
N ASN A 254 5.53 -2.60 -20.07
CA ASN A 254 4.22 -3.03 -20.65
C ASN A 254 3.39 -1.80 -21.01
N LEU A 255 2.50 -1.90 -21.99
CA LEU A 255 1.60 -0.80 -22.43
C LEU A 255 0.17 -1.10 -21.96
N ASN A 256 -0.60 -0.09 -21.54
CA ASN A 256 -1.94 -0.25 -20.91
C ASN A 256 -3.07 -0.26 -21.96
N LEU A 257 -4.35 -0.20 -21.60
CA LEU A 257 -5.47 -0.27 -22.58
C LEU A 257 -5.35 0.85 -23.62
N LEU A 258 -4.82 2.01 -23.21
CA LEU A 258 -4.63 3.19 -24.07
C LEU A 258 -3.18 3.30 -24.56
N GLY A 259 -2.49 2.17 -24.71
CA GLY A 259 -1.12 2.08 -25.23
C GLY A 259 -0.19 3.08 -24.59
N GLU A 260 -0.30 3.29 -23.28
CA GLU A 260 0.58 4.21 -22.51
C GLU A 260 1.39 3.43 -21.49
N ILE A 261 2.51 3.99 -21.05
CA ILE A 261 3.48 3.45 -20.06
C ILE A 261 3.15 4.02 -18.68
N GLU A 262 3.05 3.21 -17.62
CA GLU A 262 2.71 3.71 -16.28
C GLU A 262 3.47 2.85 -15.29
N CYS A 263 4.62 3.29 -14.80
CA CYS A 263 5.49 2.50 -13.90
C CYS A 263 5.07 2.58 -12.43
N ASP A 264 5.58 1.63 -11.64
CA ASP A 264 5.38 1.41 -10.19
C ASP A 264 6.76 1.08 -9.62
N ALA A 265 7.30 1.80 -8.64
CA ALA A 265 8.64 1.53 -8.07
C ALA A 265 8.69 1.92 -6.59
N SER A 266 9.43 1.21 -5.75
CA SER A 266 9.58 1.55 -4.32
C SER A 266 10.96 1.15 -3.82
N ILE A 267 11.32 1.62 -2.62
CA ILE A 267 12.63 1.41 -1.95
C ILE A 267 12.48 1.56 -0.44
N MET A 268 13.27 0.84 0.36
CA MET A 268 13.23 0.95 1.84
C MET A 268 14.66 0.89 2.39
N ASP A 269 14.95 1.62 3.47
CA ASP A 269 16.27 1.69 4.15
C ASP A 269 16.08 1.01 5.50
N GLY A 270 16.93 0.06 5.89
CA GLY A 270 16.79 -0.68 7.16
C GLY A 270 17.18 0.13 8.37
N LYS A 271 18.26 0.88 8.30
CA LYS A 271 18.78 1.69 9.42
C LYS A 271 17.67 2.59 9.98
N SER A 272 17.18 3.51 9.15
CA SER A 272 16.19 4.56 9.46
C SER A 272 14.75 4.04 9.33
N LEU A 273 14.49 2.91 8.67
CA LEU A 273 13.12 2.35 8.44
C LEU A 273 12.28 3.43 7.74
N ASN A 274 12.91 4.14 6.81
CA ASN A 274 12.33 5.20 5.95
C ASN A 274 11.88 4.54 4.65
N PHE A 275 10.82 5.06 4.03
CA PHE A 275 10.18 4.50 2.81
C PHE A 275 10.02 5.58 1.73
N GLY A 276 10.02 5.17 0.46
CA GLY A 276 9.79 6.03 -0.71
C GLY A 276 9.25 5.20 -1.87
N ALA A 277 8.06 5.49 -2.47
CA ALA A 277 7.38 4.79 -3.57
C ALA A 277 6.67 5.77 -4.52
N VAL A 278 6.36 5.30 -5.73
CA VAL A 278 5.62 6.02 -6.82
C VAL A 278 4.70 5.03 -7.51
N GLY A 279 3.62 5.51 -8.09
CA GLY A 279 2.68 4.64 -8.81
C GLY A 279 2.24 5.31 -10.10
N ALA A 280 1.86 4.57 -11.17
CA ALA A 280 1.36 5.08 -12.46
C ALA A 280 2.17 6.28 -12.93
N LEU A 281 3.49 6.25 -12.72
CA LEU A 281 4.49 7.27 -13.13
C LEU A 281 4.78 7.18 -14.63
N SER A 282 4.17 8.04 -15.45
CA SER A 282 4.38 8.10 -16.92
C SER A 282 5.40 9.21 -17.24
N GLY A 283 6.36 8.98 -18.13
CA GLY A 283 7.27 10.04 -18.57
C GLY A 283 8.50 10.22 -17.70
N ILE A 284 8.92 9.27 -16.86
CA ILE A 284 10.19 9.40 -16.08
C ILE A 284 11.10 8.20 -16.39
N LYS A 285 12.30 8.39 -16.95
CA LYS A 285 13.21 7.30 -17.42
C LYS A 285 13.54 6.25 -16.37
N ASN A 286 13.80 6.64 -15.13
CA ASN A 286 14.16 5.68 -14.08
C ASN A 286 13.22 5.91 -12.89
N PRO A 287 12.03 5.30 -12.83
CA PRO A 287 11.10 5.47 -11.72
C PRO A 287 11.67 5.27 -10.32
N VAL A 288 12.64 4.37 -10.14
CA VAL A 288 13.25 4.03 -8.83
C VAL A 288 13.99 5.25 -8.27
N SER A 289 14.51 6.12 -9.13
CA SER A 289 15.16 7.41 -8.78
C SER A 289 14.14 8.31 -8.11
N VAL A 290 12.89 8.36 -8.57
CA VAL A 290 11.87 9.21 -7.91
C VAL A 290 11.68 8.69 -6.50
N ALA A 291 11.49 7.38 -6.38
CA ALA A 291 11.30 6.67 -5.10
C ALA A 291 12.50 6.95 -4.21
N ASN A 292 13.71 6.90 -4.76
CA ASN A 292 14.93 7.15 -3.99
C ASN A 292 14.90 8.58 -3.44
N ARG A 293 14.64 9.56 -4.29
CA ARG A 293 14.63 10.99 -3.90
C ARG A 293 13.57 11.23 -2.85
N LEU A 294 12.45 10.52 -2.90
CA LEU A 294 11.35 10.69 -1.92
C LEU A 294 11.84 10.24 -0.53
N LEU A 295 12.66 9.19 -0.49
CA LEU A 295 13.25 8.56 0.71
C LEU A 295 14.36 9.46 1.24
N CYS A 296 15.23 9.96 0.36
CA CYS A 296 16.37 10.88 0.70
C CYS A 296 15.82 12.20 1.25
N GLU A 297 14.68 12.67 0.73
CA GLU A 297 14.03 13.95 1.14
C GLU A 297 13.39 13.80 2.52
N GLY A 298 13.01 12.57 2.90
CA GLY A 298 12.39 12.25 4.21
C GLY A 298 13.39 12.39 5.36
N GLN A 299 14.67 12.22 5.06
CA GLN A 299 15.81 12.31 6.03
C GLN A 299 16.06 13.78 6.42
N LYS A 300 15.99 14.68 5.47
CA LYS A 300 16.26 16.11 5.72
C LYS A 300 15.00 16.80 6.23
N GLY A 301 13.77 16.36 5.83
CA GLY A 301 12.46 17.02 6.08
C GLY A 301 12.05 17.01 7.55
N LYS A 302 12.70 16.20 8.39
CA LYS A 302 12.34 16.04 9.82
C LYS A 302 13.20 16.95 10.73
N LEU A 303 13.99 17.87 10.18
CA LEU A 303 14.83 18.80 10.97
C LEU A 303 14.41 20.24 10.63
N SER A 304 13.21 20.63 11.07
CA SER A 304 12.58 21.95 10.87
C SER A 304 12.73 22.39 9.41
N ALA A 305 12.27 21.55 8.49
CA ALA A 305 12.28 21.79 7.03
C ALA A 305 10.84 21.84 6.53
N GLY A 306 10.00 22.63 7.19
CA GLY A 306 8.57 22.81 6.86
C GLY A 306 7.66 22.06 7.81
N ARG A 307 7.22 20.84 7.44
CA ARG A 307 6.34 19.94 8.23
C ARG A 307 6.42 18.53 7.62
N ILE A 308 5.64 17.57 8.14
CA ILE A 308 5.56 16.14 7.71
C ILE A 308 5.81 16.01 6.20
N PRO A 309 6.94 15.42 5.73
CA PRO A 309 7.23 15.33 4.30
C PRO A 309 6.51 14.18 3.57
N PRO A 310 6.66 13.94 2.25
CA PRO A 310 5.91 12.92 1.56
C PRO A 310 6.73 11.68 1.18
N CYS A 311 6.15 10.48 1.19
CA CYS A 311 6.86 9.23 0.81
C CYS A 311 6.24 8.43 -0.35
N PHE A 312 4.94 8.51 -0.65
CA PHE A 312 4.27 7.79 -1.78
C PHE A 312 3.57 8.84 -2.65
N LEU A 313 3.99 9.03 -3.92
CA LEU A 313 3.36 9.97 -4.89
C LEU A 313 2.84 9.20 -6.09
N VAL A 314 1.89 9.76 -6.84
CA VAL A 314 1.29 9.01 -7.98
C VAL A 314 1.29 9.80 -9.29
N GLY A 315 1.11 9.13 -10.42
CA GLY A 315 0.98 9.69 -11.78
C GLY A 315 1.20 11.15 -12.08
N GLU A 316 0.12 11.93 -12.24
CA GLU A 316 0.18 13.34 -12.70
C GLU A 316 1.18 14.14 -11.89
N GLY A 317 1.19 13.95 -10.57
CA GLY A 317 2.04 14.75 -9.69
C GLY A 317 3.33 14.10 -9.26
N ALA A 318 3.54 12.82 -9.52
CA ALA A 318 4.84 12.18 -9.30
C ALA A 318 5.81 12.89 -10.25
N TYR A 319 5.31 13.17 -11.45
CA TYR A 319 5.94 13.91 -12.56
C TYR A 319 6.35 15.30 -12.08
N ARG A 320 5.42 16.04 -11.48
CA ARG A 320 5.67 17.41 -10.98
C ARG A 320 6.87 17.37 -10.04
N TRP A 321 6.79 16.60 -8.96
CA TRP A 321 7.86 16.52 -7.93
C TRP A 321 9.17 16.04 -8.53
N ALA A 322 9.14 15.09 -9.46
CA ALA A 322 10.37 14.56 -10.08
C ALA A 322 11.17 15.71 -10.68
N VAL A 323 10.53 16.46 -11.57
CA VAL A 323 11.11 17.57 -12.38
C VAL A 323 11.40 18.84 -11.56
N ASP A 324 10.60 19.11 -10.53
CA ASP A 324 10.77 20.32 -9.69
C ASP A 324 12.08 20.17 -8.90
N HIS A 325 12.53 18.95 -8.68
CA HIS A 325 13.82 18.61 -8.01
C HIS A 325 14.90 18.49 -9.09
N GLY A 326 14.64 17.75 -10.17
CA GLY A 326 15.58 17.60 -11.30
C GLY A 326 15.86 16.17 -11.67
N ILE A 327 14.85 15.40 -12.06
CA ILE A 327 15.01 13.98 -12.49
C ILE A 327 14.79 13.95 -14.00
N PRO A 328 15.74 13.54 -14.84
CA PRO A 328 15.54 13.48 -16.28
C PRO A 328 14.22 12.87 -16.76
N SER A 329 13.31 13.69 -17.30
CA SER A 329 11.98 13.27 -17.82
C SER A 329 12.06 13.00 -19.31
N CYS A 330 11.05 12.33 -19.88
CA CYS A 330 10.97 11.97 -21.32
C CYS A 330 9.54 12.04 -21.84
N PRO A 331 9.29 12.10 -23.16
CA PRO A 331 7.93 11.94 -23.66
C PRO A 331 7.61 10.45 -23.49
N PRO A 332 6.36 10.03 -23.22
CA PRO A 332 6.06 8.62 -23.00
C PRO A 332 6.04 7.77 -24.27
N ASN A 333 7.22 7.61 -24.84
CA ASN A 333 7.49 6.98 -26.17
C ASN A 333 8.88 6.34 -26.18
N ILE A 334 9.94 7.12 -25.96
CA ILE A 334 11.33 6.59 -25.83
C ILE A 334 11.26 5.41 -24.86
N MET A 335 10.41 5.48 -23.82
CA MET A 335 10.13 4.35 -22.89
C MET A 335 9.57 3.21 -23.74
N THR A 336 8.74 3.28 -24.78
CA THR A 336 8.41 2.13 -25.71
C THR A 336 9.67 1.82 -26.58
N THR A 337 9.62 0.73 -27.34
CA THR A 337 10.72 0.02 -28.06
C THR A 337 10.06 -0.85 -29.12
N ARG A 338 10.85 -1.33 -30.07
CA ARG A 338 10.38 -2.21 -31.16
C ARG A 338 9.48 -3.31 -30.60
N PHE A 339 9.92 -4.01 -29.56
CA PHE A 339 9.26 -5.17 -28.93
C PHE A 339 8.01 -4.78 -28.15
N SER A 340 8.05 -3.73 -27.35
CA SER A 340 6.91 -3.29 -26.50
C SER A 340 5.69 -2.94 -27.36
N LEU A 341 5.90 -2.13 -28.40
CA LEU A 341 4.84 -1.62 -29.32
C LEU A 341 4.36 -2.73 -30.23
N ALA A 342 5.26 -3.63 -30.63
CA ALA A 342 4.90 -4.79 -31.45
C ALA A 342 4.00 -5.68 -30.60
N ALA A 343 4.30 -5.76 -29.31
CA ALA A 343 3.56 -6.55 -28.31
C ALA A 343 2.21 -5.91 -28.08
N PHE A 344 2.10 -4.60 -28.01
CA PHE A 344 0.84 -3.86 -27.73
C PHE A 344 -0.18 -4.05 -28.86
N LYS A 345 0.26 -4.10 -30.10
CA LYS A 345 -0.64 -4.28 -31.26
C LYS A 345 -1.23 -5.69 -31.19
N ARG A 346 -0.36 -6.65 -30.88
CA ARG A 346 -0.67 -8.10 -30.73
C ARG A 346 -1.65 -8.27 -29.57
N ASN A 347 -1.35 -7.67 -28.42
CA ASN A 347 -2.17 -7.73 -27.19
C ASN A 347 -3.51 -7.07 -27.43
N LYS A 348 -3.57 -5.89 -28.06
CA LYS A 348 -4.86 -5.22 -28.34
C LYS A 348 -5.74 -6.07 -29.27
N ARG A 349 -5.15 -6.83 -30.17
CA ARG A 349 -5.89 -7.67 -31.15
C ARG A 349 -6.56 -8.83 -30.42
N LYS A 350 -6.00 -9.27 -29.29
CA LYS A 350 -6.60 -10.37 -28.51
C LYS A 350 -7.92 -9.85 -27.92
N LEU A 351 -7.94 -8.59 -27.49
CA LEU A 351 -9.11 -7.91 -26.88
C LEU A 351 -10.15 -7.63 -27.96
N GLU A 352 -9.74 -7.21 -29.17
CA GLU A 352 -10.69 -6.98 -30.28
C GLU A 352 -11.47 -8.29 -30.47
N LEU A 353 -10.75 -9.39 -30.66
CA LEU A 353 -11.27 -10.77 -30.80
C LEU A 353 -11.29 -11.39 -29.40
N ALA A 354 -12.35 -11.03 -28.64
CA ALA A 354 -12.67 -11.32 -27.22
C ALA A 354 -13.84 -10.41 -26.77
N GLU A 355 -13.75 -9.09 -26.89
CA GLU A 355 -14.86 -8.17 -26.58
C GLU A 355 -15.95 -8.39 -27.64
N ARG A 356 -15.62 -8.87 -28.83
CA ARG A 356 -16.62 -9.10 -29.90
C ARG A 356 -17.37 -10.42 -29.64
N VAL A 357 -16.77 -11.29 -28.82
CA VAL A 357 -17.35 -12.58 -28.32
C VAL A 357 -18.03 -12.39 -26.95
N ASP A 358 -17.57 -11.45 -26.11
CA ASP A 358 -18.18 -11.23 -24.78
C ASP A 358 -19.41 -10.34 -24.93
N THR A 359 -19.53 -9.51 -25.96
CA THR A 359 -20.76 -8.71 -26.17
C THR A 359 -21.75 -9.50 -27.04
N ASP A 360 -21.38 -10.68 -27.55
CA ASP A 360 -22.30 -11.53 -28.35
C ASP A 360 -23.17 -12.35 -27.38
N PHE A 361 -22.57 -12.84 -26.30
CA PHE A 361 -23.23 -13.63 -25.23
C PHE A 361 -24.24 -12.74 -24.50
N MET A 362 -24.01 -11.43 -24.43
CA MET A 362 -25.00 -10.49 -23.83
C MET A 362 -26.19 -10.39 -24.81
N GLN A 363 -25.93 -10.30 -26.10
CA GLN A 363 -27.03 -10.27 -27.09
C GLN A 363 -27.81 -11.57 -26.91
N LEU A 364 -27.13 -12.71 -26.84
CA LEU A 364 -27.76 -14.04 -26.76
C LEU A 364 -28.51 -14.17 -25.43
N LYS A 365 -28.00 -13.56 -24.38
CA LYS A 365 -28.66 -13.60 -23.05
C LYS A 365 -29.63 -12.42 -22.98
N LYS A 366 -29.82 -11.65 -24.03
CA LYS A 366 -30.90 -10.63 -24.10
C LYS A 366 -31.88 -10.96 -25.24
N ARG A 367 -31.68 -12.10 -25.94
CA ARG A 367 -32.55 -12.68 -26.98
C ARG A 367 -33.31 -13.91 -26.42
N ARG A 368 -32.78 -14.62 -25.42
CA ARG A 368 -33.54 -15.70 -24.74
C ARG A 368 -34.54 -14.98 -23.82
N GLN A 369 -34.19 -13.82 -23.29
CA GLN A 369 -35.15 -13.04 -22.48
C GLN A 369 -36.17 -12.45 -23.47
N SER A 370 -35.72 -12.13 -24.70
CA SER A 370 -36.52 -11.57 -25.83
C SER A 370 -37.34 -12.58 -26.64
N SER A 371 -37.29 -13.87 -26.33
CA SER A 371 -38.16 -14.89 -26.95
C SER A 371 -38.96 -15.63 -25.86
N GLU A 372 -39.10 -15.05 -24.65
CA GLU A 372 -39.78 -15.64 -23.47
C GLU A 372 -40.41 -14.54 -22.61
N LYS A 373 -39.63 -13.69 -21.95
CA LYS A 373 -40.14 -12.61 -21.08
C LYS A 373 -40.75 -11.45 -21.89
N GLU A 374 -39.95 -10.77 -22.70
CA GLU A 374 -40.28 -9.50 -23.40
C GLU A 374 -41.34 -9.62 -24.50
N ASN A 375 -41.25 -10.59 -25.41
CA ASN A 375 -42.22 -10.70 -26.52
C ASN A 375 -43.63 -10.79 -25.93
N ASP A 376 -43.92 -11.80 -25.09
CA ASP A 376 -45.25 -11.96 -24.46
C ASP A 376 -45.06 -12.13 -22.96
N THR B 2 -10.12 12.17 8.94
CA THR B 2 -10.03 10.77 8.46
C THR B 2 -11.15 9.94 9.11
N VAL B 3 -12.24 9.66 8.40
CA VAL B 3 -13.36 8.88 8.94
C VAL B 3 -13.37 7.49 8.31
N GLY B 4 -13.98 6.54 9.06
CA GLY B 4 -14.01 5.08 8.84
C GLY B 4 -15.14 4.40 9.57
N ALA B 5 -15.22 3.04 9.50
CA ALA B 5 -16.25 2.16 10.09
C ALA B 5 -15.92 0.68 9.90
N VAL B 6 -16.58 -0.18 10.70
CA VAL B 6 -16.48 -1.68 10.71
C VAL B 6 -17.89 -2.21 10.97
N VAL B 7 -18.26 -3.43 10.55
CA VAL B 7 -19.63 -3.97 10.81
C VAL B 7 -19.60 -5.50 10.76
N VAL B 8 -20.58 -6.16 11.37
CA VAL B 8 -20.87 -7.61 11.16
C VAL B 8 -22.37 -7.83 10.96
N ASP B 9 -22.79 -8.77 10.12
CA ASP B 9 -24.20 -9.14 9.82
C ASP B 9 -24.66 -10.34 10.64
N HIS B 10 -25.92 -10.75 10.52
CA HIS B 10 -26.54 -11.85 11.31
C HIS B 10 -25.74 -13.16 11.26
N GLU B 11 -25.04 -13.45 10.16
CA GLU B 11 -24.27 -14.71 9.97
C GLU B 11 -22.85 -14.61 10.55
N GLY B 12 -22.44 -13.45 11.06
CA GLY B 12 -21.11 -13.24 11.65
C GLY B 12 -20.06 -12.89 10.62
N ASN B 13 -20.49 -12.34 9.49
CA ASN B 13 -19.59 -11.91 8.39
C ASN B 13 -19.23 -10.42 8.51
N VAL B 14 -17.95 -10.11 8.80
CA VAL B 14 -17.41 -8.74 9.02
C VAL B 14 -16.95 -8.12 7.71
N ALA B 15 -16.76 -6.80 7.76
CA ALA B 15 -16.30 -5.89 6.68
C ALA B 15 -15.78 -4.61 7.32
N ALA B 16 -15.03 -3.78 6.60
CA ALA B 16 -14.46 -2.52 7.12
C ALA B 16 -14.15 -1.56 5.96
N ALA B 17 -14.24 -0.25 6.18
CA ALA B 17 -13.97 0.81 5.17
C ALA B 17 -13.23 1.98 5.81
N VAL B 18 -12.72 2.93 5.01
CA VAL B 18 -12.03 4.16 5.50
C VAL B 18 -11.90 5.16 4.34
N SER B 19 -11.97 6.47 4.61
CA SER B 19 -11.86 7.58 3.63
C SER B 19 -11.10 8.77 4.22
N SER B 20 -10.30 9.51 3.47
CA SER B 20 -9.55 10.65 4.03
C SER B 20 -9.12 11.62 2.92
N GLY B 21 -8.93 12.89 3.26
CA GLY B 21 -8.50 13.91 2.29
C GLY B 21 -7.01 14.19 2.37
N GLY B 22 -6.29 13.61 3.37
CA GLY B 22 -4.86 13.66 3.71
C GLY B 22 -4.39 14.94 4.35
N LEU B 23 -3.07 15.16 4.34
CA LEU B 23 -2.39 16.32 4.96
C LEU B 23 -2.98 17.61 4.39
N ALA B 24 -3.00 18.69 5.18
CA ALA B 24 -3.49 20.03 4.82
C ALA B 24 -2.96 20.50 3.48
N LEU B 25 -1.66 20.74 3.33
CA LEU B 25 -1.16 21.27 2.04
C LEU B 25 -0.24 20.26 1.37
N LYS B 26 -0.74 19.06 1.11
CA LYS B 26 0.05 17.99 0.47
C LYS B 26 0.27 18.36 -0.99
N HIS B 27 1.37 17.90 -1.59
CA HIS B 27 1.76 18.14 -3.00
C HIS B 27 0.79 17.38 -3.91
N PRO B 28 0.45 17.85 -5.13
CA PRO B 28 -0.38 17.08 -6.05
C PRO B 28 -0.11 15.57 -6.15
N GLY B 29 -1.16 14.83 -6.48
CA GLY B 29 -1.30 13.38 -6.50
C GLY B 29 -0.43 12.72 -5.46
N ARG B 30 -0.84 12.71 -4.18
CA ARG B 30 -0.18 12.13 -3.00
C ARG B 30 -1.17 11.21 -2.30
N VAL B 31 -0.85 9.92 -2.12
CA VAL B 31 -1.75 8.94 -1.44
C VAL B 31 -1.16 8.64 -0.07
N GLY B 32 -1.89 8.83 1.03
CA GLY B 32 -1.38 8.50 2.37
C GLY B 32 -1.80 7.09 2.74
N GLN B 33 -2.53 6.86 3.83
CA GLN B 33 -3.09 5.51 4.16
C GLN B 33 -4.58 5.52 3.76
N ALA B 34 -5.42 4.63 4.24
CA ALA B 34 -6.85 4.56 3.90
C ALA B 34 -6.96 4.50 2.39
N ALA B 35 -6.17 3.60 1.84
CA ALA B 35 -5.84 3.40 0.40
C ALA B 35 -4.89 2.20 0.22
N LEU B 36 -3.78 2.13 0.97
CA LEU B 36 -2.86 0.97 1.00
C LEU B 36 -3.56 -0.21 1.69
N TYR B 37 -3.09 -1.42 1.41
CA TYR B 37 -3.66 -2.71 1.83
C TYR B 37 -3.84 -2.84 3.35
N GLY B 38 -2.80 -3.06 4.11
CA GLY B 38 -2.96 -3.29 5.55
C GLY B 38 -2.85 -2.03 6.35
N CYS B 39 -2.66 -0.87 5.77
CA CYS B 39 -2.49 0.38 6.55
C CYS B 39 -3.84 1.02 6.82
N GLY B 40 -4.79 0.86 5.91
CA GLY B 40 -6.14 1.45 6.01
C GLY B 40 -7.06 0.55 6.80
N CYS B 41 -8.12 -0.01 6.22
CA CYS B 41 -9.05 -0.91 6.93
C CYS B 41 -8.61 -2.36 6.79
N TRP B 42 -9.27 -3.28 7.49
CA TRP B 42 -8.98 -4.72 7.46
C TRP B 42 -10.23 -5.52 7.84
N ALA B 43 -10.42 -6.70 7.27
CA ALA B 43 -11.58 -7.56 7.56
C ALA B 43 -11.17 -9.02 7.33
N GLU B 44 -11.41 -9.93 8.29
CA GLU B 44 -11.04 -11.35 8.17
C GLU B 44 -12.16 -12.21 8.74
N ASN B 45 -12.67 -13.23 8.04
CA ASN B 45 -13.78 -14.09 8.56
C ASN B 45 -13.19 -15.33 9.24
N THR B 46 -13.94 -15.95 10.16
CA THR B 46 -13.50 -17.06 11.06
C THR B 46 -13.10 -18.28 10.21
N GLY B 47 -11.96 -18.94 10.51
CA GLY B 47 -11.40 -20.05 9.72
C GLY B 47 -10.65 -21.12 10.52
N ALA B 48 -9.36 -21.45 10.23
CA ALA B 48 -8.58 -22.55 10.91
C ALA B 48 -7.73 -22.07 12.12
N HIS B 49 -6.62 -21.32 11.88
CA HIS B 49 -5.72 -20.57 12.84
C HIS B 49 -6.05 -19.05 13.02
N ASN B 50 -7.23 -18.64 12.52
CA ASN B 50 -8.15 -17.48 12.51
C ASN B 50 -9.31 -17.83 13.46
N PRO B 51 -9.17 -17.80 14.79
CA PRO B 51 -10.27 -18.23 15.66
C PRO B 51 -11.49 -17.30 15.63
N TYR B 52 -11.23 -16.00 15.67
CA TYR B 52 -12.19 -14.87 15.66
C TYR B 52 -12.35 -14.36 14.22
N SER B 53 -13.45 -13.63 13.99
CA SER B 53 -13.84 -12.96 12.72
C SER B 53 -13.71 -11.47 13.02
N THR B 54 -12.69 -10.79 12.51
CA THR B 54 -12.32 -9.43 12.96
C THR B 54 -12.25 -8.34 11.88
N ALA B 55 -12.45 -7.07 12.25
CA ALA B 55 -12.47 -5.89 11.34
C ALA B 55 -11.83 -4.66 11.99
N VAL B 56 -10.93 -3.92 11.32
CA VAL B 56 -10.26 -2.69 11.84
C VAL B 56 -10.41 -1.53 10.84
N SER B 57 -10.26 -0.28 11.29
CA SER B 57 -10.17 0.96 10.51
C SER B 57 -9.18 1.84 11.27
N THR B 58 -8.45 2.75 10.60
CA THR B 58 -7.35 3.60 11.16
C THR B 58 -7.50 5.12 10.92
N SER B 59 -6.72 6.02 11.57
CA SER B 59 -6.85 7.51 11.43
C SER B 59 -5.64 8.38 11.82
N GLY B 60 -5.96 9.91 11.75
CA GLY B 60 -4.84 10.46 12.51
C GLY B 60 -3.81 10.96 11.55
N CYS B 61 -2.52 10.70 11.77
CA CYS B 61 -1.47 11.08 10.78
C CYS B 61 -1.52 10.10 9.60
N GLY B 62 -1.42 10.57 8.37
CA GLY B 62 -1.39 9.67 7.22
C GLY B 62 -0.15 8.82 7.33
N GLU B 63 0.98 9.48 7.61
CA GLU B 63 2.32 8.84 7.68
C GLU B 63 2.37 7.79 8.79
N HIS B 64 2.20 8.10 10.07
CA HIS B 64 2.28 7.11 11.19
C HIS B 64 1.63 5.74 10.90
N LEU B 65 0.52 5.62 10.15
CA LEU B 65 -0.15 4.32 9.87
C LEU B 65 0.37 3.64 8.61
N VAL B 66 1.23 4.33 7.87
CA VAL B 66 1.99 3.74 6.76
C VAL B 66 3.06 2.89 7.45
N ARG B 67 3.73 3.50 8.43
CA ARG B 67 4.93 2.82 8.94
C ARG B 67 4.70 1.53 9.75
N THR B 68 3.53 1.15 10.25
CA THR B 68 3.46 -0.15 10.98
C THR B 68 2.54 -1.18 10.31
N ILE B 69 1.85 -0.86 9.21
CA ILE B 69 0.72 -1.68 8.70
C ILE B 69 -0.08 -1.99 9.99
N LEU B 70 -0.51 -0.93 10.68
CA LEU B 70 -1.24 -1.07 11.97
C LEU B 70 -2.49 -1.90 11.79
N ALA B 71 -3.22 -1.78 10.70
CA ALA B 71 -4.51 -2.49 10.53
C ALA B 71 -4.28 -4.01 10.40
N ARG B 72 -3.30 -4.53 9.62
CA ARG B 72 -3.04 -5.99 9.56
C ARG B 72 -2.49 -6.47 10.89
N GLU B 73 -1.46 -5.76 11.39
CA GLU B 73 -0.72 -6.06 12.63
C GLU B 73 -1.76 -6.24 13.73
N CYS B 74 -2.61 -5.22 13.94
CA CYS B 74 -3.70 -5.27 14.93
C CYS B 74 -4.50 -6.55 14.65
N SER B 75 -4.96 -6.71 13.40
CA SER B 75 -5.82 -7.83 12.89
C SER B 75 -5.17 -9.20 13.13
N HIS B 76 -3.85 -9.28 13.20
CA HIS B 76 -3.11 -10.56 13.40
C HIS B 76 -2.74 -10.77 14.87
N ALA B 77 -2.77 -9.71 15.66
CA ALA B 77 -2.54 -9.75 17.11
C ALA B 77 -3.84 -10.20 17.79
N LEU B 78 -5.00 -10.14 17.13
CA LEU B 78 -6.28 -10.51 17.79
C LEU B 78 -6.54 -12.03 17.84
N GLN B 79 -5.57 -12.87 17.44
CA GLN B 79 -5.62 -14.34 17.62
C GLN B 79 -5.28 -14.72 19.06
N ALA B 80 -4.81 -13.76 19.87
CA ALA B 80 -4.63 -13.91 21.32
C ALA B 80 -6.03 -14.04 21.93
N GLU B 81 -6.14 -14.85 22.99
CA GLU B 81 -7.38 -15.27 23.70
C GLU B 81 -8.41 -14.17 23.97
N ASP B 82 -8.20 -12.90 23.58
CA ASP B 82 -9.21 -11.87 23.90
C ASP B 82 -9.25 -10.67 22.96
N ALA B 83 -10.14 -9.70 23.21
CA ALA B 83 -10.45 -8.54 22.32
C ALA B 83 -9.57 -7.37 22.81
N HIS B 84 -9.72 -6.99 24.08
CA HIS B 84 -9.14 -5.75 24.66
C HIS B 84 -7.67 -5.94 25.07
N GLN B 85 -7.10 -7.14 24.90
CA GLN B 85 -5.66 -7.44 25.21
C GLN B 85 -5.02 -8.15 24.02
N ALA B 86 -5.18 -7.54 22.84
CA ALA B 86 -4.47 -7.85 21.58
C ALA B 86 -4.20 -6.56 20.78
N LEU B 87 -5.01 -5.51 21.01
CA LEU B 87 -4.96 -4.16 20.35
C LEU B 87 -3.63 -3.43 20.65
N LEU B 88 -3.55 -2.61 21.72
CA LEU B 88 -2.40 -1.69 22.05
C LEU B 88 -1.02 -2.38 22.07
N GLU B 89 -0.89 -3.71 22.00
CA GLU B 89 0.41 -4.40 21.78
C GLU B 89 0.89 -4.00 20.39
N THR B 90 0.00 -3.34 19.64
CA THR B 90 0.24 -2.70 18.32
C THR B 90 0.25 -1.18 18.52
N MET B 91 -0.22 -0.70 19.67
CA MET B 91 -0.30 0.76 19.94
C MET B 91 0.96 1.26 20.66
N GLN B 92 1.53 0.36 21.49
CA GLN B 92 2.73 0.62 22.36
C GLN B 92 3.90 -0.33 22.07
N ASN B 93 3.68 -1.60 21.70
CA ASN B 93 4.78 -2.55 21.36
C ASN B 93 5.10 -2.43 19.87
N LYS B 94 4.15 -1.97 19.04
CA LYS B 94 4.35 -1.80 17.57
C LYS B 94 3.85 -0.43 17.08
N PHE B 95 4.07 0.67 17.82
CA PHE B 95 3.73 2.09 17.43
C PHE B 95 4.45 3.06 18.38
N ILE B 96 4.02 3.19 19.64
CA ILE B 96 4.55 4.17 20.64
C ILE B 96 6.02 3.83 20.86
N SER B 97 6.34 2.67 21.45
CA SER B 97 7.77 2.31 21.67
C SER B 97 8.24 1.26 20.66
N SER B 98 7.91 1.43 19.39
CA SER B 98 8.18 0.48 18.29
C SER B 98 9.08 1.13 17.24
N PRO B 99 10.22 0.53 16.84
CA PRO B 99 11.07 1.12 15.84
C PRO B 99 10.44 1.76 14.59
N PHE B 100 9.26 1.32 14.10
CA PHE B 100 8.70 1.83 12.81
C PHE B 100 8.50 3.37 12.78
N LEU B 101 8.34 4.00 13.94
CA LEU B 101 8.20 5.48 14.11
C LEU B 101 9.16 5.91 15.23
N ALA B 102 10.46 5.90 14.94
CA ALA B 102 11.56 6.16 15.89
C ALA B 102 12.32 7.46 15.62
N SER B 103 11.94 8.25 14.61
CA SER B 103 12.58 9.56 14.29
C SER B 103 11.52 10.67 14.27
N GLU B 104 10.40 10.47 14.97
CA GLU B 104 9.22 11.37 14.95
C GLU B 104 8.96 12.00 16.32
N ASP B 105 8.28 13.14 16.35
CA ASP B 105 7.95 13.93 17.57
C ASP B 105 6.85 13.24 18.38
N GLY B 106 6.05 12.38 17.75
CA GLY B 106 4.94 11.68 18.41
C GLY B 106 4.58 10.38 17.71
N VAL B 107 3.47 9.79 18.14
CA VAL B 107 2.95 8.57 17.51
C VAL B 107 1.43 8.81 17.33
N LEU B 108 1.06 10.04 16.93
CA LEU B 108 -0.33 10.56 16.68
C LEU B 108 -1.20 9.61 15.83
N GLY B 109 -2.25 8.98 16.37
CA GLY B 109 -3.14 8.12 15.57
C GLY B 109 -4.38 7.66 16.33
N GLY B 110 -5.33 6.95 15.70
CA GLY B 110 -6.56 6.43 16.32
C GLY B 110 -7.02 5.24 15.54
N VAL B 111 -7.62 4.17 16.12
CA VAL B 111 -8.06 2.89 15.49
C VAL B 111 -9.40 2.49 16.11
N ILE B 112 -10.21 1.69 15.41
CA ILE B 112 -11.43 1.04 15.94
C ILE B 112 -11.34 -0.44 15.55
N VAL B 113 -11.83 -1.36 16.37
CA VAL B 113 -11.80 -2.83 16.15
C VAL B 113 -13.19 -3.43 16.39
N LEU B 114 -13.46 -4.58 15.79
CA LEU B 114 -14.66 -5.45 15.95
C LEU B 114 -14.17 -6.89 15.96
N ARG B 115 -14.71 -7.74 16.83
CA ARG B 115 -14.39 -9.18 16.89
C ARG B 115 -15.72 -9.90 17.00
N SER B 116 -15.80 -11.13 16.51
CA SER B 116 -17.07 -11.90 16.56
C SER B 116 -16.80 -13.39 16.45
N CYS B 117 -17.50 -14.23 17.23
CA CYS B 117 -17.42 -15.71 17.22
C CYS B 117 -18.81 -16.27 17.58
N ARG B 118 -19.00 -17.58 17.46
CA ARG B 118 -20.29 -18.24 17.77
C ARG B 118 -20.09 -19.24 18.92
N CYS B 119 -21.19 -19.81 19.43
CA CYS B 119 -21.21 -20.79 20.54
C CYS B 119 -21.04 -22.20 19.99
N THR B 131 -26.73 -16.96 17.92
CA THR B 131 -25.96 -16.82 19.19
C THR B 131 -24.52 -16.42 18.86
N LEU B 132 -24.29 -15.12 18.62
CA LEU B 132 -22.97 -14.53 18.29
C LEU B 132 -22.55 -13.53 19.38
N LEU B 133 -21.25 -13.40 19.62
CA LEU B 133 -20.65 -12.46 20.59
C LEU B 133 -19.94 -11.39 19.77
N VAL B 134 -20.11 -10.10 20.10
CA VAL B 134 -19.48 -8.96 19.36
C VAL B 134 -18.72 -8.09 20.37
N GLU B 135 -17.45 -7.75 20.12
CA GLU B 135 -16.63 -6.90 21.02
C GLU B 135 -16.25 -5.64 20.25
N PHE B 136 -16.42 -4.44 20.81
CA PHE B 136 -16.08 -3.17 20.13
C PHE B 136 -15.10 -2.35 20.98
N LEU B 137 -13.93 -1.94 20.48
CA LEU B 137 -12.93 -1.16 21.27
C LEU B 137 -12.36 -0.05 20.39
N TRP B 138 -12.10 1.13 20.93
CA TRP B 138 -11.53 2.25 20.14
C TRP B 138 -10.37 2.87 20.93
N SER B 139 -9.16 2.90 20.37
CA SER B 139 -7.93 3.42 21.03
C SER B 139 -7.39 4.59 20.22
N HIS B 140 -6.58 5.46 20.83
CA HIS B 140 -5.89 6.57 20.15
C HIS B 140 -4.90 7.23 21.08
N THR B 141 -3.97 8.01 20.51
CA THR B 141 -2.95 8.79 21.23
C THR B 141 -3.07 10.25 20.80
N THR B 142 -4.24 10.74 20.50
CA THR B 142 -4.38 12.16 20.16
C THR B 142 -5.25 12.82 21.22
N GLU B 143 -5.30 14.15 21.25
CA GLU B 143 -6.11 14.96 22.20
C GLU B 143 -7.53 14.42 22.31
N SER B 144 -8.14 13.96 21.21
CA SER B 144 -9.52 13.43 21.22
C SER B 144 -9.83 12.56 20.00
N MET B 145 -10.98 11.89 20.01
CA MET B 145 -11.50 11.00 18.94
C MET B 145 -12.98 10.80 19.20
N CYS B 146 -13.81 10.60 18.18
CA CYS B 146 -15.28 10.40 18.32
C CYS B 146 -15.71 9.05 17.76
N VAL B 147 -16.78 8.44 18.27
CA VAL B 147 -17.31 7.11 17.84
C VAL B 147 -18.82 7.08 18.00
N GLY B 148 -19.48 6.08 17.39
CA GLY B 148 -20.92 5.78 17.47
C GLY B 148 -21.15 4.32 17.13
N TYR B 149 -22.13 3.59 17.73
CA TYR B 149 -22.43 2.16 17.52
C TYR B 149 -23.92 1.93 17.67
N MET B 150 -24.42 0.79 17.19
CA MET B 150 -25.84 0.39 17.25
C MET B 150 -25.95 -1.12 17.00
N SER B 151 -27.04 -1.78 17.25
CA SER B 151 -27.33 -3.20 16.92
C SER B 151 -28.78 -3.30 16.42
N ALA B 152 -29.14 -4.37 15.71
CA ALA B 152 -30.48 -4.53 15.11
C ALA B 152 -31.57 -4.51 16.18
N GLN B 153 -31.62 -5.44 17.14
CA GLN B 153 -32.72 -5.41 18.14
C GLN B 153 -32.56 -4.29 19.16
N ASP B 154 -31.38 -3.70 19.28
CA ASP B 154 -31.13 -2.63 20.26
C ASP B 154 -32.12 -1.48 20.00
N GLY B 155 -32.30 -0.94 18.80
CA GLY B 155 -33.37 0.06 18.64
C GLY B 155 -32.91 1.50 18.50
N LYS B 156 -32.13 2.07 19.42
CA LYS B 156 -31.67 3.48 19.27
C LYS B 156 -30.13 3.55 19.28
N ALA B 157 -29.54 4.53 18.59
CA ALA B 157 -28.08 4.69 18.40
C ALA B 157 -27.42 5.53 19.51
N LYS B 158 -26.19 5.17 19.92
CA LYS B 158 -25.37 5.88 20.93
C LYS B 158 -24.25 6.64 20.19
N THR B 159 -23.67 7.68 20.79
CA THR B 159 -22.63 8.57 20.20
C THR B 159 -21.54 8.75 21.29
N HIS B 160 -21.00 9.96 21.56
CA HIS B 160 -20.06 10.40 22.63
C HIS B 160 -18.63 10.32 22.12
N ILE B 161 -17.75 11.09 22.76
CA ILE B 161 -16.30 11.28 22.45
C ILE B 161 -15.47 10.53 23.49
N SER B 162 -14.22 10.20 23.18
CA SER B 162 -13.27 9.43 24.00
C SER B 162 -11.99 10.23 24.15
N ARG B 163 -12.06 11.30 24.94
CA ARG B 163 -10.94 12.24 25.21
C ARG B 163 -9.96 11.62 26.22
N LEU B 164 -8.76 12.19 26.33
CA LEU B 164 -7.69 11.74 27.22
C LEU B 164 -7.87 12.40 28.59
N PRO B 165 -7.63 11.71 29.73
CA PRO B 165 -7.75 12.30 31.06
C PRO B 165 -7.18 13.71 31.24
N PRO B 166 -7.84 14.64 31.97
CA PRO B 166 -7.40 16.03 32.15
C PRO B 166 -5.90 16.36 32.18
N GLY B 167 -5.35 16.90 31.09
CA GLY B 167 -3.94 17.32 31.01
C GLY B 167 -2.98 16.20 30.65
N ALA B 168 -3.46 14.99 30.33
CA ALA B 168 -2.60 13.87 29.92
C ALA B 168 -1.93 14.25 28.60
N VAL B 169 -0.62 14.42 28.53
CA VAL B 169 0.12 14.82 27.29
C VAL B 169 -0.19 13.84 26.13
N ALA B 170 -0.99 14.24 25.13
CA ALA B 170 -1.32 13.43 23.93
C ALA B 170 -0.06 13.05 23.16
N GLY B 171 -0.08 11.89 22.50
CA GLY B 171 1.09 11.34 21.81
C GLY B 171 1.73 10.31 22.70
N GLN B 172 2.13 10.75 23.89
CA GLN B 172 2.74 9.89 24.92
C GLN B 172 1.64 8.94 25.41
N SER B 173 0.61 9.46 26.08
CA SER B 173 -0.48 8.65 26.69
C SER B 173 -1.47 8.20 25.62
N VAL B 174 -2.15 7.09 25.83
CA VAL B 174 -3.15 6.58 24.86
C VAL B 174 -4.31 6.06 25.68
N ALA B 175 -5.50 6.66 25.58
CA ALA B 175 -6.73 6.23 26.30
C ALA B 175 -7.50 5.29 25.39
N ILE B 176 -8.17 4.29 25.92
CA ILE B 176 -8.92 3.29 25.12
C ILE B 176 -10.16 2.84 25.89
N GLU B 177 -11.35 2.88 25.30
CA GLU B 177 -12.60 2.37 25.93
C GLU B 177 -12.97 1.05 25.23
N GLY B 178 -14.13 0.42 25.54
CA GLY B 178 -14.63 -0.82 24.94
C GLY B 178 -15.96 -1.29 25.50
N GLY B 179 -16.35 -2.53 25.14
CA GLY B 179 -17.59 -3.25 25.53
C GLY B 179 -17.67 -4.60 24.86
N VAL B 180 -18.79 -5.31 25.05
CA VAL B 180 -19.08 -6.69 24.56
C VAL B 180 -20.61 -6.76 24.43
N CYS B 181 -21.16 -7.48 23.46
CA CYS B 181 -22.63 -7.58 23.28
C CYS B 181 -22.90 -8.99 22.76
N ARG B 182 -24.19 -9.34 22.68
CA ARG B 182 -24.76 -10.65 22.23
C ARG B 182 -25.96 -10.36 21.33
N LEU B 183 -25.89 -10.69 20.04
CA LEU B 183 -27.04 -10.51 19.11
C LEU B 183 -27.59 -11.91 18.84
N GLU B 184 -28.92 -12.05 18.68
CA GLU B 184 -29.59 -13.31 18.33
C GLU B 184 -29.13 -13.61 16.90
N GLY B 185 -28.81 -14.88 16.59
CA GLY B 185 -28.25 -15.32 15.30
C GLY B 185 -29.22 -16.09 14.44
N SER B 186 -30.37 -15.53 14.11
CA SER B 186 -31.32 -16.17 13.17
C SER B 186 -31.35 -15.30 11.89
N GLY B 187 -31.91 -14.10 11.98
CA GLY B 187 -32.08 -13.20 10.82
C GLY B 187 -31.94 -11.72 11.15
N SER B 188 -32.72 -11.20 12.11
CA SER B 188 -32.68 -9.80 12.57
C SER B 188 -31.46 -9.58 13.48
N GLY B 189 -30.25 -9.52 12.92
CA GLY B 189 -29.03 -9.34 13.72
C GLY B 189 -27.89 -8.64 12.97
N GLY B 190 -27.35 -7.45 13.36
CA GLY B 190 -26.17 -6.74 12.81
C GLY B 190 -25.67 -5.70 13.82
N PHE B 191 -24.39 -5.26 13.85
CA PHE B 191 -23.82 -4.28 14.82
C PHE B 191 -22.85 -3.36 14.06
N VAL B 192 -22.83 -2.07 14.29
CA VAL B 192 -21.91 -1.18 13.52
C VAL B 192 -21.09 -0.37 14.50
N LEU B 193 -19.90 0.07 14.13
CA LEU B 193 -19.02 0.90 15.00
C LEU B 193 -18.31 1.86 14.06
N VAL B 194 -18.54 3.17 14.15
CA VAL B 194 -17.96 4.08 13.14
C VAL B 194 -17.12 5.13 13.85
N HIS B 195 -16.33 5.94 13.15
CA HIS B 195 -15.47 6.95 13.85
C HIS B 195 -15.34 8.23 13.01
N ALA B 196 -15.34 9.40 13.64
CA ALA B 196 -15.22 10.72 12.97
C ALA B 196 -13.77 11.21 13.01
N GLY B 197 -12.83 10.42 13.53
CA GLY B 197 -11.38 10.71 13.50
C GLY B 197 -10.85 11.50 14.70
N ALA B 198 -9.53 11.67 14.79
CA ALA B 198 -8.74 12.28 15.86
C ALA B 198 -8.50 13.74 15.49
N GLY B 199 -7.88 14.53 16.38
CA GLY B 199 -7.61 15.94 16.08
C GLY B 199 -7.08 16.71 17.27
N TYR B 200 -7.21 18.03 17.17
CA TYR B 200 -6.78 19.06 18.16
C TYR B 200 -7.93 19.34 19.13
N HIS B 201 -7.76 20.31 20.04
CA HIS B 201 -8.73 20.70 21.10
C HIS B 201 -9.68 21.85 20.71
N SER B 202 -10.10 21.96 19.45
CA SER B 202 -11.12 22.96 19.02
C SER B 202 -12.47 22.34 19.34
N GLU B 203 -13.00 22.58 20.55
CA GLU B 203 -14.29 22.02 21.05
C GLU B 203 -15.49 22.53 20.25
N SER B 204 -15.39 23.71 19.63
CA SER B 204 -16.43 24.39 18.82
C SER B 204 -17.25 23.39 18.00
N LYS B 205 -16.59 22.54 17.20
CA LYS B 205 -17.24 21.53 16.31
C LYS B 205 -17.24 20.15 16.98
N ALA B 206 -18.01 19.99 18.07
CA ALA B 206 -18.19 18.73 18.83
C ALA B 206 -19.54 18.09 18.49
N LYS B 207 -20.63 18.83 18.72
CA LYS B 207 -22.04 18.41 18.46
C LYS B 207 -22.21 17.88 17.04
N GLU B 208 -21.58 18.55 16.06
CA GLU B 208 -21.70 18.21 14.64
C GLU B 208 -21.28 16.75 14.43
N TYR B 209 -20.04 16.42 14.77
CA TYR B 209 -19.43 15.08 14.60
C TYR B 209 -20.32 14.00 15.21
N LYS B 210 -20.86 14.26 16.40
CA LYS B 210 -21.71 13.30 17.14
C LYS B 210 -22.98 13.00 16.36
N HIS B 211 -23.50 13.99 15.63
CA HIS B 211 -24.76 13.89 14.86
C HIS B 211 -24.56 12.99 13.65
N VAL B 212 -23.57 13.31 12.81
CA VAL B 212 -23.30 12.54 11.56
C VAL B 212 -23.00 11.09 11.90
N CYS B 213 -22.45 10.78 13.07
CA CYS B 213 -22.16 9.38 13.46
C CYS B 213 -23.47 8.64 13.69
N LYS B 214 -24.41 9.26 14.38
CA LYS B 214 -25.74 8.68 14.67
C LYS B 214 -26.38 8.33 13.34
N ARG B 215 -26.50 9.31 12.44
CA ARG B 215 -27.12 9.14 11.12
C ARG B 215 -26.41 8.01 10.38
N ALA B 216 -25.09 8.02 10.38
CA ALA B 216 -24.23 7.02 9.70
C ALA B 216 -24.64 5.60 10.08
N CYS B 217 -24.62 5.29 11.38
CA CYS B 217 -24.92 3.95 11.94
C CYS B 217 -26.34 3.52 11.58
N GLN B 218 -27.29 4.44 11.68
CA GLN B 218 -28.72 4.15 11.36
C GLN B 218 -28.79 3.58 9.95
N LYS B 219 -28.16 4.25 8.99
CA LYS B 219 -28.17 3.87 7.55
C LYS B 219 -27.68 2.43 7.40
N ALA B 220 -26.52 2.11 7.97
CA ALA B 220 -25.88 0.78 7.93
C ALA B 220 -26.82 -0.24 8.55
N ILE B 221 -27.49 0.14 9.63
CA ILE B 221 -28.44 -0.75 10.33
C ILE B 221 -29.63 -0.98 9.39
N GLU B 222 -30.08 0.05 8.70
CA GLU B 222 -31.23 -0.02 7.77
C GLU B 222 -30.87 -0.98 6.64
N LYS B 223 -29.64 -0.93 6.16
CA LYS B 223 -29.17 -1.82 5.06
C LYS B 223 -29.12 -3.25 5.62
N LEU B 224 -28.58 -3.45 6.82
CA LEU B 224 -28.46 -4.77 7.47
C LEU B 224 -29.84 -5.29 7.88
N GLN B 225 -30.80 -4.40 8.11
CA GLN B 225 -32.19 -4.79 8.47
C GLN B 225 -32.94 -5.13 7.17
N ALA B 226 -32.45 -4.61 6.05
CA ALA B 226 -32.90 -4.88 4.67
C ALA B 226 -32.16 -6.10 4.11
N GLY B 227 -31.21 -6.68 4.84
CA GLY B 227 -30.49 -7.90 4.40
C GLY B 227 -29.44 -7.60 3.35
N ALA B 228 -28.73 -6.49 3.49
CA ALA B 228 -27.63 -6.10 2.58
C ALA B 228 -26.34 -6.76 3.06
N LEU B 229 -25.31 -6.80 2.22
CA LEU B 229 -23.99 -7.41 2.54
C LEU B 229 -23.23 -6.47 3.48
N ALA B 230 -22.24 -6.98 4.19
CA ALA B 230 -21.46 -6.16 5.13
C ALA B 230 -20.69 -5.09 4.34
N THR B 231 -20.28 -5.41 3.12
CA THR B 231 -19.53 -4.49 2.22
C THR B 231 -20.40 -3.30 1.86
N ASP B 232 -21.63 -3.56 1.45
CA ASP B 232 -22.59 -2.50 1.09
C ASP B 232 -22.97 -1.77 2.38
N ALA B 233 -23.04 -2.48 3.49
CA ALA B 233 -23.41 -1.93 4.81
C ALA B 233 -22.43 -0.84 5.22
N VAL B 234 -21.13 -1.10 5.18
CA VAL B 234 -20.11 -0.11 5.60
C VAL B 234 -20.04 1.02 4.57
N THR B 235 -20.37 0.76 3.31
CA THR B 235 -20.33 1.80 2.27
C THR B 235 -21.33 2.90 2.62
N ALA B 236 -22.56 2.51 2.96
CA ALA B 236 -23.67 3.41 3.29
C ALA B 236 -23.27 4.34 4.45
N ALA B 237 -22.57 3.80 5.44
CA ALA B 237 -22.13 4.51 6.64
C ALA B 237 -21.07 5.53 6.25
N LEU B 238 -20.18 5.14 5.35
CA LEU B 238 -19.08 5.99 4.86
C LEU B 238 -19.65 7.10 3.97
N VAL B 239 -20.76 6.84 3.30
CA VAL B 239 -21.44 7.83 2.42
C VAL B 239 -21.86 9.00 3.30
N GLU B 240 -22.65 8.76 4.35
CA GLU B 240 -23.15 9.80 5.28
C GLU B 240 -21.98 10.49 5.97
N LEU B 241 -20.88 9.78 6.21
CA LEU B 241 -19.68 10.37 6.86
C LEU B 241 -19.07 11.36 5.87
N GLU B 242 -18.69 10.91 4.69
CA GLU B 242 -18.09 11.75 3.63
C GLU B 242 -18.98 12.96 3.35
N ASP B 243 -20.27 12.75 3.15
CA ASP B 243 -21.27 13.77 2.74
C ASP B 243 -21.27 14.96 3.70
N SER B 244 -20.87 14.76 4.95
CA SER B 244 -20.83 15.82 6.00
C SER B 244 -19.69 16.79 5.71
N PRO B 245 -19.87 18.13 5.78
CA PRO B 245 -18.78 19.06 5.49
C PRO B 245 -17.74 19.32 6.59
N PHE B 246 -17.88 18.71 7.76
CA PHE B 246 -16.92 18.87 8.87
C PHE B 246 -15.89 17.74 8.84
N THR B 247 -16.13 16.68 8.07
CA THR B 247 -15.21 15.53 7.97
C THR B 247 -14.14 15.82 6.94
N ASN B 248 -12.86 15.60 7.24
CA ASN B 248 -11.71 15.76 6.30
C ASN B 248 -11.59 14.47 5.49
N ALA B 249 -12.64 14.15 4.76
CA ALA B 249 -12.81 12.93 3.93
C ALA B 249 -14.02 13.16 3.04
N GLY B 250 -13.94 13.03 1.72
CA GLY B 250 -15.08 13.21 0.80
C GLY B 250 -15.51 14.66 0.66
N MET B 251 -16.75 15.04 0.98
CA MET B 251 -17.16 16.46 0.88
C MET B 251 -16.52 17.23 2.04
N GLY B 252 -16.00 18.43 1.80
CA GLY B 252 -15.32 19.28 2.80
C GLY B 252 -13.92 18.80 3.18
N SER B 253 -13.17 18.24 2.24
CA SER B 253 -11.81 17.70 2.48
C SER B 253 -10.78 18.82 2.51
N ASN B 254 -9.53 18.49 2.86
CA ASN B 254 -8.39 19.43 2.91
C ASN B 254 -7.98 19.84 1.50
N LEU B 255 -7.48 21.07 1.33
CA LEU B 255 -7.06 21.66 0.04
C LEU B 255 -5.54 21.50 -0.07
N ASN B 256 -5.04 20.93 -1.17
CA ASN B 256 -3.61 20.61 -1.46
C ASN B 256 -2.69 21.82 -1.79
N LEU B 257 -1.41 21.61 -2.18
CA LEU B 257 -0.39 22.65 -2.50
C LEU B 257 -0.85 23.59 -3.62
N LEU B 258 -1.74 23.11 -4.50
CA LEU B 258 -2.38 23.84 -5.61
C LEU B 258 -3.87 24.05 -5.33
N GLY B 259 -4.26 24.12 -4.06
CA GLY B 259 -5.64 24.36 -3.59
C GLY B 259 -6.68 23.52 -4.30
N GLU B 260 -6.38 22.25 -4.58
CA GLU B 260 -7.30 21.28 -5.23
C GLU B 260 -7.66 20.18 -4.22
N ILE B 261 -8.70 19.39 -4.50
CA ILE B 261 -9.17 18.32 -3.57
C ILE B 261 -8.79 16.94 -4.15
N GLU B 262 -8.15 16.06 -3.38
CA GLU B 262 -7.64 14.73 -3.78
C GLU B 262 -7.85 13.73 -2.65
N CYS B 263 -8.86 12.87 -2.74
CA CYS B 263 -9.21 11.90 -1.68
C CYS B 263 -8.51 10.56 -1.82
N ASP B 264 -8.53 9.77 -0.72
CA ASP B 264 -8.01 8.39 -0.55
C ASP B 264 -9.07 7.59 0.21
N ALA B 265 -9.47 6.40 -0.25
CA ALA B 265 -10.49 5.54 0.40
C ALA B 265 -10.32 4.06 0.03
N SER B 266 -10.58 3.14 0.98
CA SER B 266 -10.40 1.68 0.86
C SER B 266 -11.57 0.93 1.50
N ILE B 267 -11.66 -0.38 1.32
CA ILE B 267 -12.74 -1.24 1.88
C ILE B 267 -12.34 -2.70 1.71
N MET B 268 -12.69 -3.57 2.66
CA MET B 268 -12.34 -5.01 2.58
C MET B 268 -13.52 -5.86 3.06
N ASP B 269 -13.79 -7.00 2.39
CA ASP B 269 -14.83 -7.99 2.75
C ASP B 269 -14.12 -9.15 3.46
N GLY B 270 -14.36 -9.48 4.72
CA GLY B 270 -13.52 -10.54 5.29
C GLY B 270 -13.86 -11.93 4.77
N LYS B 271 -15.12 -12.11 4.38
CA LYS B 271 -15.67 -13.41 3.93
C LYS B 271 -14.83 -13.94 2.78
N SER B 272 -14.73 -13.15 1.72
CA SER B 272 -14.04 -13.47 0.45
C SER B 272 -12.60 -12.95 0.44
N LEU B 273 -12.22 -12.08 1.39
CA LEU B 273 -10.88 -11.44 1.51
C LEU B 273 -10.57 -10.68 0.22
N ASN B 274 -11.58 -10.03 -0.36
CA ASN B 274 -11.49 -9.21 -1.59
C ASN B 274 -11.27 -7.74 -1.19
N PHE B 275 -10.34 -7.03 -1.81
CA PHE B 275 -9.99 -5.63 -1.47
C PHE B 275 -10.18 -4.72 -2.69
N GLY B 276 -10.49 -3.43 -2.47
CA GLY B 276 -10.65 -2.40 -3.50
C GLY B 276 -10.39 -1.02 -2.91
N ALA B 277 -9.45 -0.17 -3.39
CA ALA B 277 -9.14 1.17 -2.85
C ALA B 277 -8.85 2.13 -4.00
N VAL B 278 -8.86 3.43 -3.73
CA VAL B 278 -8.52 4.54 -4.67
C VAL B 278 -7.63 5.55 -3.97
N GLY B 279 -6.87 6.37 -4.68
CA GLY B 279 -6.03 7.42 -4.05
C GLY B 279 -6.11 8.71 -4.85
N ALA B 280 -5.69 9.88 -4.36
CA ALA B 280 -5.66 11.17 -5.08
C ALA B 280 -6.81 11.32 -6.08
N LEU B 281 -7.91 10.62 -5.84
CA LEU B 281 -9.12 10.65 -6.71
C LEU B 281 -9.77 12.02 -6.60
N SER B 282 -9.58 12.91 -7.58
CA SER B 282 -10.17 14.26 -7.62
C SER B 282 -11.54 14.22 -8.29
N GLY B 283 -12.46 15.10 -7.91
CA GLY B 283 -13.76 15.23 -8.58
C GLY B 283 -14.65 14.03 -8.44
N ILE B 284 -14.80 13.44 -7.25
CA ILE B 284 -15.78 12.35 -7.00
C ILE B 284 -16.43 12.60 -5.64
N LYS B 285 -17.76 12.63 -5.54
CA LYS B 285 -18.52 12.97 -4.30
C LYS B 285 -18.30 11.96 -3.18
N ASN B 286 -18.30 10.69 -3.51
CA ASN B 286 -18.14 9.63 -2.51
C ASN B 286 -17.02 8.71 -2.95
N PRO B 287 -15.74 8.99 -2.63
CA PRO B 287 -14.63 8.12 -2.97
C PRO B 287 -14.87 6.65 -2.63
N VAL B 288 -15.43 6.36 -1.46
CA VAL B 288 -15.80 4.99 -1.01
C VAL B 288 -16.67 4.28 -2.05
N SER B 289 -17.49 4.96 -2.88
CA SER B 289 -18.35 4.27 -3.85
C SER B 289 -17.47 3.58 -4.87
N VAL B 290 -16.46 4.30 -5.33
CA VAL B 290 -15.47 3.83 -6.34
C VAL B 290 -14.79 2.59 -5.77
N ALA B 291 -14.32 2.68 -4.53
CA ALA B 291 -13.62 1.59 -3.81
C ALA B 291 -14.57 0.41 -3.66
N ASN B 292 -15.85 0.64 -3.47
CA ASN B 292 -16.83 -0.46 -3.36
C ASN B 292 -16.97 -1.11 -4.74
N ARG B 293 -17.20 -0.32 -5.79
CA ARG B 293 -17.38 -0.80 -7.19
C ARG B 293 -16.17 -1.65 -7.59
N LEU B 294 -14.96 -1.21 -7.21
CA LEU B 294 -13.71 -1.93 -7.54
C LEU B 294 -13.71 -3.31 -6.87
N LEU B 295 -14.25 -3.39 -5.66
CA LEU B 295 -14.35 -4.63 -4.85
C LEU B 295 -15.42 -5.56 -5.41
N CYS B 296 -16.54 -5.06 -5.90
CA CYS B 296 -17.59 -5.91 -6.50
C CYS B 296 -17.14 -6.41 -7.88
N GLU B 297 -16.42 -5.57 -8.59
CA GLU B 297 -15.93 -5.91 -9.94
C GLU B 297 -14.99 -7.11 -9.82
N GLY B 298 -14.23 -7.32 -8.71
CA GLY B 298 -13.26 -8.40 -8.52
C GLY B 298 -13.95 -9.75 -8.42
N GLN B 299 -15.23 -9.77 -8.05
CA GLN B 299 -16.03 -11.01 -7.92
C GLN B 299 -16.39 -11.54 -9.32
N LYS B 300 -17.15 -10.80 -10.12
CA LYS B 300 -17.69 -11.22 -11.45
C LYS B 300 -16.57 -11.42 -12.47
N GLY B 301 -15.47 -10.67 -12.28
CA GLY B 301 -14.23 -10.60 -13.08
C GLY B 301 -13.49 -11.91 -13.26
N LYS B 302 -13.31 -12.69 -12.18
CA LYS B 302 -12.53 -13.97 -12.17
C LYS B 302 -13.27 -15.08 -12.93
N LEU B 303 -14.61 -15.06 -12.94
CA LEU B 303 -15.44 -16.08 -13.61
C LEU B 303 -15.66 -15.73 -15.10
N SER B 304 -14.71 -16.12 -15.96
CA SER B 304 -14.70 -15.98 -17.43
C SER B 304 -15.15 -14.60 -17.88
N ALA B 305 -14.46 -13.53 -17.45
CA ALA B 305 -14.78 -12.14 -17.79
C ALA B 305 -13.51 -11.38 -18.18
N GLY B 306 -12.71 -11.90 -19.10
CA GLY B 306 -11.49 -11.25 -19.58
C GLY B 306 -10.20 -11.76 -18.96
N ARG B 307 -9.64 -11.09 -17.97
CA ARG B 307 -8.35 -11.45 -17.35
C ARG B 307 -8.40 -11.12 -15.85
N ILE B 308 -7.27 -11.10 -15.13
CA ILE B 308 -7.20 -10.67 -13.70
C ILE B 308 -7.80 -9.26 -13.60
N PRO B 309 -8.79 -8.98 -12.72
CA PRO B 309 -9.38 -7.62 -12.61
C PRO B 309 -8.57 -6.61 -11.78
N PRO B 310 -9.03 -5.37 -11.49
CA PRO B 310 -8.24 -4.39 -10.75
C PRO B 310 -8.75 -4.03 -9.36
N CYS B 311 -7.89 -3.57 -8.44
CA CYS B 311 -8.38 -3.06 -7.13
C CYS B 311 -7.61 -1.87 -6.53
N PHE B 312 -6.68 -1.22 -7.20
CA PHE B 312 -6.04 -0.01 -6.66
C PHE B 312 -5.85 0.93 -7.85
N LEU B 313 -6.90 1.69 -8.17
CA LEU B 313 -6.92 2.72 -9.23
C LEU B 313 -6.59 4.06 -8.59
N VAL B 314 -5.98 4.99 -9.30
CA VAL B 314 -5.56 6.26 -8.64
C VAL B 314 -5.80 7.49 -9.53
N GLY B 315 -6.22 8.62 -8.94
CA GLY B 315 -6.38 9.94 -9.59
C GLY B 315 -7.10 10.03 -10.91
N GLU B 316 -6.36 10.05 -12.00
CA GLU B 316 -6.85 10.27 -13.38
C GLU B 316 -7.54 9.00 -13.86
N GLY B 317 -6.94 7.85 -13.59
CA GLY B 317 -7.51 6.54 -13.91
C GLY B 317 -8.75 6.25 -13.10
N ALA B 318 -8.77 6.69 -11.85
CA ALA B 318 -9.91 6.52 -10.93
C ALA B 318 -11.10 7.25 -11.50
N TYR B 319 -10.87 8.50 -11.90
CA TYR B 319 -11.88 9.40 -12.50
C TYR B 319 -12.51 8.76 -13.73
N ARG B 320 -11.71 8.32 -14.70
CA ARG B 320 -12.27 7.72 -15.93
C ARG B 320 -13.11 6.49 -15.56
N TRP B 321 -12.56 5.52 -14.83
CA TRP B 321 -13.22 4.24 -14.46
C TRP B 321 -14.54 4.47 -13.72
N ALA B 322 -14.58 5.50 -12.88
CA ALA B 322 -15.75 5.86 -12.07
C ALA B 322 -16.90 6.30 -12.98
N VAL B 323 -16.67 7.32 -13.81
CA VAL B 323 -17.69 7.86 -14.74
C VAL B 323 -18.07 6.77 -15.74
N ASP B 324 -17.10 5.99 -16.22
CA ASP B 324 -17.28 4.96 -17.25
C ASP B 324 -18.24 3.85 -16.81
N HIS B 325 -18.36 3.54 -15.52
CA HIS B 325 -19.37 2.53 -15.10
C HIS B 325 -20.63 3.23 -14.59
N GLY B 326 -20.54 4.45 -14.09
CA GLY B 326 -21.75 5.19 -13.70
C GLY B 326 -21.73 5.70 -12.28
N ILE B 327 -20.82 6.61 -11.96
CA ILE B 327 -20.77 7.29 -10.64
C ILE B 327 -20.91 8.79 -10.88
N PRO B 328 -21.98 9.49 -10.43
CA PRO B 328 -22.08 10.93 -10.65
C PRO B 328 -20.84 11.70 -10.18
N SER B 329 -20.34 12.65 -10.97
CA SER B 329 -19.12 13.44 -10.66
C SER B 329 -19.49 14.84 -10.18
N CYS B 330 -18.56 15.48 -9.46
CA CYS B 330 -18.66 16.84 -8.89
C CYS B 330 -17.53 17.70 -9.43
N PRO B 331 -17.71 19.03 -9.65
CA PRO B 331 -16.61 19.88 -10.05
C PRO B 331 -15.91 20.35 -8.77
N PRO B 332 -14.56 20.43 -8.62
CA PRO B 332 -13.93 20.91 -7.38
C PRO B 332 -14.53 22.28 -7.02
N ASN B 333 -15.60 22.29 -6.23
CA ASN B 333 -16.49 23.46 -5.99
C ASN B 333 -17.54 23.32 -4.87
N ILE B 334 -18.39 22.30 -4.96
CA ILE B 334 -19.33 21.79 -3.92
C ILE B 334 -18.56 20.95 -2.89
N MET B 335 -17.61 20.16 -3.41
CA MET B 335 -16.62 19.33 -2.66
C MET B 335 -15.86 20.32 -1.79
N THR B 336 -15.63 21.52 -2.33
CA THR B 336 -15.10 22.70 -1.62
C THR B 336 -16.29 23.29 -0.82
N THR B 337 -15.98 23.95 0.29
CA THR B 337 -16.94 24.60 1.22
C THR B 337 -16.27 25.81 1.89
N ARG B 338 -17.09 26.74 2.37
CA ARG B 338 -16.65 28.00 3.03
C ARG B 338 -15.57 27.71 4.08
N PHE B 339 -15.78 26.73 4.96
CA PHE B 339 -14.86 26.39 6.07
C PHE B 339 -13.49 25.97 5.51
N SER B 340 -13.49 25.08 4.52
CA SER B 340 -12.30 24.51 3.86
C SER B 340 -11.50 25.59 3.12
N LEU B 341 -12.16 26.44 2.33
CA LEU B 341 -11.52 27.52 1.53
C LEU B 341 -10.90 28.54 2.48
N ALA B 342 -11.62 28.87 3.55
CA ALA B 342 -11.17 29.80 4.60
C ALA B 342 -9.97 29.17 5.31
N ALA B 343 -10.03 27.86 5.51
CA ALA B 343 -8.93 27.09 6.12
C ALA B 343 -7.77 27.12 5.14
N PHE B 344 -8.03 27.05 3.85
CA PHE B 344 -6.96 27.04 2.82
C PHE B 344 -6.23 28.38 2.81
N LYS B 345 -6.91 29.50 2.99
CA LYS B 345 -6.24 30.83 2.89
C LYS B 345 -5.29 30.96 4.08
N ARG B 346 -5.72 30.57 5.28
CA ARG B 346 -4.90 30.65 6.51
C ARG B 346 -3.78 29.59 6.47
N ASN B 347 -4.01 28.44 5.83
CA ASN B 347 -2.96 27.39 5.71
C ASN B 347 -1.97 27.82 4.64
N LYS B 348 -2.36 28.55 3.60
CA LYS B 348 -1.36 28.98 2.58
C LYS B 348 -0.45 30.06 3.17
N ARG B 349 -0.91 30.80 4.19
CA ARG B 349 -0.18 31.92 4.84
C ARG B 349 0.98 31.38 5.68
N LYS B 350 0.89 30.15 6.17
CA LYS B 350 1.97 29.53 7.00
C LYS B 350 3.15 29.21 6.09
N LEU B 351 2.91 28.70 4.88
CA LEU B 351 4.00 28.32 3.93
C LEU B 351 4.60 29.58 3.32
N GLU B 352 3.78 30.63 3.14
CA GLU B 352 4.28 31.94 2.65
C GLU B 352 5.38 32.34 3.63
N LEU B 353 5.01 32.44 4.92
CA LEU B 353 5.86 32.84 6.07
C LEU B 353 6.52 31.57 6.64
N ALA B 354 7.42 30.97 5.87
CA ALA B 354 8.16 29.69 6.06
C ALA B 354 9.07 29.42 4.86
N GLU B 355 8.55 29.33 3.64
CA GLU B 355 9.31 29.24 2.37
C GLU B 355 10.08 30.55 2.17
N ARG B 356 9.58 31.68 2.68
CA ARG B 356 10.27 32.99 2.63
C ARG B 356 11.44 33.02 3.62
N VAL B 357 11.34 32.26 4.72
CA VAL B 357 12.41 32.12 5.76
C VAL B 357 13.20 30.83 5.54
N ASP B 358 12.83 29.97 4.60
CA ASP B 358 13.68 28.80 4.27
C ASP B 358 14.68 29.24 3.19
N THR B 359 14.42 30.33 2.48
CA THR B 359 15.34 30.93 1.47
C THR B 359 16.21 32.04 2.10
N ASP B 360 16.10 32.26 3.42
CA ASP B 360 16.94 33.22 4.16
C ASP B 360 18.18 32.45 4.65
N PHE B 361 18.04 31.19 5.07
CA PHE B 361 19.16 30.33 5.51
C PHE B 361 19.99 29.92 4.28
N MET B 362 19.37 29.72 3.12
CA MET B 362 20.08 29.31 1.90
C MET B 362 20.95 30.45 1.34
N GLN B 363 20.59 31.71 1.61
CA GLN B 363 21.36 32.89 1.16
C GLN B 363 22.31 33.39 2.26
N LEU B 364 22.17 32.88 3.48
CA LEU B 364 23.08 33.25 4.60
C LEU B 364 24.13 32.14 4.82
N LYS B 365 23.88 30.91 4.40
CA LYS B 365 24.87 29.82 4.51
C LYS B 365 25.74 29.78 3.26
N LYS B 366 25.29 30.43 2.16
CA LYS B 366 26.02 30.58 0.90
C LYS B 366 26.83 31.90 0.92
N ARG B 367 26.45 32.84 1.81
CA ARG B 367 27.12 34.15 2.05
C ARG B 367 28.23 33.96 3.10
N ARG B 368 28.20 32.88 3.87
CA ARG B 368 29.29 32.52 4.83
C ARG B 368 30.36 31.75 4.06
N GLN B 369 30.01 31.22 2.87
CA GLN B 369 30.95 30.57 1.92
C GLN B 369 31.29 31.55 0.77
N SER B 370 30.68 32.73 0.74
CA SER B 370 30.90 33.75 -0.32
C SER B 370 32.03 34.71 0.08
N SER B 371 32.21 34.96 1.38
CA SER B 371 33.23 35.85 2.01
C SER B 371 34.40 35.05 2.59
N GLU B 372 34.52 33.77 2.27
CA GLU B 372 35.65 32.92 2.68
C GLU B 372 36.23 32.20 1.46
N LYS B 373 35.44 31.41 0.71
CA LYS B 373 35.90 30.67 -0.50
C LYS B 373 35.92 31.59 -1.73
N GLU B 374 34.97 32.52 -1.88
CA GLU B 374 34.83 33.38 -3.09
C GLU B 374 35.37 34.81 -2.92
N ASN B 375 35.36 35.37 -1.70
CA ASN B 375 35.86 36.75 -1.42
C ASN B 375 36.86 36.72 -0.27
N ASP B 376 37.92 35.93 -0.36
CA ASP B 376 38.93 35.89 -1.46
C ASP B 376 39.10 34.43 -1.91
#